data_9M7D
#
_entry.id   9M7D
#
_cell.length_a   97.032
_cell.length_b   97.032
_cell.length_c   405.183
_cell.angle_alpha   90.000
_cell.angle_beta   90.000
_cell.angle_gamma   90.000
#
_symmetry.space_group_name_H-M   'P 43 21 2'
#
loop_
_entity.id
_entity.type
_entity.pdbx_description
1 polymer 'Haloacid dehalogenase superfamily, subfamily IA, variant 3 with third motif having DD or ED'
2 non-polymer 'UNKNOWN LIGAND'
3 non-polymer 'CHLORIDE ION'
4 non-polymer 'SULFATE ION'
5 water water
#
_entity_poly.entity_id   1
_entity_poly.type   'polypeptide(L)'
_entity_poly.pdbx_seq_one_letter_code
;GSHLTPELITSLQELSQILDRYDTIVFDLGDVLLHWDSVHFTSETKGIDDVRKMVKHPVWQDLEKGLINQEFALTALSCE
LETPCSKLKEMLELSIASLQVNPLMVEVLRVLHKKDKQIYCLSNVDLESFSYLYKQFDFWKYFDGIYVSALLQLRKPNPD
IFQYLISSASINTKSTIFIDDKSENLQEAANFGISTLKYNKDNFEYTAIEGGWPIPLQNMTPEIHKKRTLGEDYLNLRLR
KFPFCKSFVSNNVELIGGEDFSKEIFSTAVILHSYTSLPDDIIASMCHEILNHDGQNKLRWCFYKNEARPDNFPDDLNTT
SMVLSFLLNHNKLTIEKIIPVAEQMIANRNEEGIIQVYFDDNRPRIDAIVAINVLYLMHQIGYGERKELKETEAFVFDFL
ISKEYLKGTRYYPAPDVFLFFLSRLVVDFPDQFEKFHKPLTEMLITRVNCSTFPLERALRIIALKKLGIVNRVDFLKLLD
TQLADGGWPVYGLFIAPRSNTYFGSRELSTAFALEALHILS
;
_entity_poly.pdbx_strand_id   A,B
#
loop_
_chem_comp.id
_chem_comp.type
_chem_comp.name
_chem_comp.formula
CL non-polymer 'CHLORIDE ION' 'Cl -1'
SO4 non-polymer 'SULFATE ION' 'O4 S -2'
UNL non-polymer 'UNKNOWN LIGAND' ?
#
# COMPACT_ATOMS: atom_id res chain seq x y z
N GLY A 1 37.33 1.93 37.69
CA GLY A 1 36.03 1.57 37.14
C GLY A 1 35.11 2.73 36.82
N SER A 2 34.98 3.05 35.52
CA SER A 2 34.19 4.21 35.11
C SER A 2 32.70 3.90 34.98
N HIS A 3 32.34 2.63 34.83
CA HIS A 3 30.94 2.25 34.68
C HIS A 3 30.11 2.76 35.84
N LEU A 4 28.92 3.29 35.53
CA LEU A 4 28.01 3.68 36.59
C LEU A 4 27.62 2.46 37.40
N THR A 5 27.26 2.71 38.63
CA THR A 5 26.94 1.61 39.53
C THR A 5 25.45 1.72 39.90
N PRO A 6 24.62 0.76 39.47
CA PRO A 6 23.19 0.80 39.85
C PRO A 6 23.02 0.59 41.35
N GLU A 7 22.15 1.39 41.94
CA GLU A 7 21.73 1.17 43.31
C GLU A 7 20.78 -0.02 43.37
N LEU A 8 21.16 -1.09 44.10
CA LEU A 8 20.28 -2.24 44.24
C LEU A 8 19.12 -1.93 45.18
N ILE A 9 17.90 -2.29 44.77
CA ILE A 9 16.71 -2.06 45.58
C ILE A 9 16.12 -3.41 45.94
N THR A 10 15.86 -3.61 47.24
CA THR A 10 15.29 -4.87 47.70
C THR A 10 14.15 -4.69 48.68
N SER A 11 13.60 -3.50 48.83
CA SER A 11 12.49 -3.35 49.74
C SER A 11 11.46 -2.45 49.10
N LEU A 12 10.19 -2.88 49.12
CA LEU A 12 9.14 -2.08 48.52
C LEU A 12 9.16 -0.65 49.03
N GLN A 13 9.61 -0.45 50.27
CA GLN A 13 9.68 0.91 50.80
C GLN A 13 10.72 1.73 50.05
N GLU A 14 11.86 1.12 49.75
CA GLU A 14 12.85 1.78 48.90
C GLU A 14 12.26 2.10 47.52
N LEU A 15 11.70 1.07 46.85
CA LEU A 15 11.10 1.26 45.54
C LEU A 15 10.11 2.41 45.54
N SER A 16 9.37 2.58 46.64
CA SER A 16 8.34 3.61 46.67
C SER A 16 8.95 4.98 46.79
N GLN A 17 10.06 5.10 47.51
CA GLN A 17 10.71 6.40 47.65
C GLN A 17 11.30 6.85 46.32
N ILE A 18 12.10 5.97 45.69
CA ILE A 18 12.66 6.22 44.36
C ILE A 18 11.55 6.62 43.38
N LEU A 19 10.56 5.75 43.17
CA LEU A 19 9.52 6.08 42.21
C LEU A 19 8.80 7.37 42.55
N ASP A 20 8.73 7.71 43.84
CA ASP A 20 7.98 8.92 44.20
C ASP A 20 8.71 10.17 43.76
N ARG A 21 10.02 10.07 43.48
CA ARG A 21 10.79 11.23 43.06
C ARG A 21 10.47 11.70 41.65
N TYR A 22 9.84 10.87 40.82
CA TYR A 22 9.67 11.15 39.39
C TYR A 22 8.24 11.52 39.03
N ASP A 23 8.10 12.43 38.04
CA ASP A 23 6.76 12.82 37.58
C ASP A 23 6.15 11.81 36.63
N THR A 24 6.99 11.08 35.91
CA THR A 24 6.57 10.28 34.76
C THR A 24 7.19 8.91 34.88
N ILE A 25 6.37 7.87 34.71
CA ILE A 25 6.87 6.52 34.73
C ILE A 25 6.44 5.82 33.45
N VAL A 26 7.37 5.12 32.84
CA VAL A 26 7.13 4.39 31.60
C VAL A 26 7.26 2.91 31.93
N PHE A 27 6.22 2.14 31.62
CA PHE A 27 6.20 0.70 31.83
C PHE A 27 6.33 -0.04 30.51
N ASP A 28 7.04 -1.14 30.53
CA ASP A 28 6.94 -2.22 29.56
C ASP A 28 5.78 -3.14 29.94
N LEU A 29 5.24 -3.89 28.98
CA LEU A 29 4.24 -4.92 29.33
C LEU A 29 4.94 -6.22 29.72
N GLY A 30 5.61 -6.84 28.76
CA GLY A 30 6.18 -8.15 28.93
C GLY A 30 7.09 -8.19 30.11
N ASP A 31 6.93 -9.23 30.93
CA ASP A 31 7.80 -9.49 32.07
C ASP A 31 8.05 -8.24 32.90
N VAL A 32 7.12 -7.29 32.89
CA VAL A 32 7.03 -6.33 33.97
C VAL A 32 5.62 -6.40 34.57
N LEU A 33 4.61 -6.25 33.75
CA LEU A 33 3.21 -6.29 34.12
C LEU A 33 2.56 -7.62 33.83
N LEU A 34 3.20 -8.47 33.01
CA LEU A 34 2.66 -9.74 32.60
C LEU A 34 3.75 -10.81 32.62
N HIS A 35 3.34 -12.08 32.79
CA HIS A 35 4.18 -13.23 32.52
C HIS A 35 3.34 -14.33 31.87
N TRP A 36 4.04 -15.32 31.28
CA TRP A 36 3.40 -16.38 30.51
C TRP A 36 4.33 -17.57 30.47
N ASP A 37 3.76 -18.72 30.08
CA ASP A 37 4.51 -19.96 29.88
C ASP A 37 4.72 -20.15 28.38
N SER A 38 5.97 -20.34 27.97
CA SER A 38 6.24 -20.45 26.55
C SER A 38 6.35 -21.90 26.03
N VAL A 39 6.53 -22.91 26.89
CA VAL A 39 6.77 -24.28 26.42
C VAL A 39 5.44 -24.99 26.22
N HIS A 40 5.25 -25.60 25.04
CA HIS A 40 3.99 -26.28 24.72
C HIS A 40 4.27 -27.37 23.69
N PHE A 41 4.58 -28.57 24.20
CA PHE A 41 4.44 -29.76 23.35
C PHE A 41 2.97 -29.94 23.03
N THR A 42 2.70 -30.38 21.82
CA THR A 42 1.31 -30.62 21.49
C THR A 42 1.18 -32.09 21.09
N SER A 43 0.00 -32.41 20.53
CA SER A 43 -0.24 -33.71 19.93
C SER A 43 0.61 -33.95 18.68
N GLU A 44 1.42 -32.97 18.26
CA GLU A 44 2.27 -33.07 17.09
C GLU A 44 3.74 -32.97 17.51
N THR A 45 4.51 -34.03 17.26
CA THR A 45 5.89 -34.07 17.73
C THR A 45 6.87 -33.28 16.84
N LYS A 46 6.58 -33.14 15.55
CA LYS A 46 7.54 -32.52 14.64
C LYS A 46 7.71 -31.02 14.97
N GLY A 47 8.97 -30.58 15.00
CA GLY A 47 9.31 -29.17 15.02
C GLY A 47 9.77 -28.69 16.39
N ILE A 48 9.81 -27.35 16.53
CA ILE A 48 10.20 -26.74 17.78
C ILE A 48 9.14 -27.01 18.86
N ASP A 49 9.52 -26.74 20.13
CA ASP A 49 8.56 -26.87 21.25
C ASP A 49 8.45 -25.62 22.10
N ASP A 50 9.30 -24.63 21.86
CA ASP A 50 9.36 -23.46 22.72
C ASP A 50 9.04 -22.24 21.86
N VAL A 51 7.94 -21.56 22.20
CA VAL A 51 7.49 -20.33 21.57
C VAL A 51 8.56 -19.26 21.58
N ARG A 52 9.60 -19.41 22.40
CA ARG A 52 10.73 -18.47 22.34
C ARG A 52 11.48 -18.54 21.00
N LYS A 53 11.38 -19.64 20.25
CA LYS A 53 12.03 -19.71 18.96
C LYS A 53 11.34 -18.83 17.93
N MET A 54 10.02 -18.63 18.10
CA MET A 54 9.23 -17.76 17.25
C MET A 54 9.45 -16.29 17.57
N VAL A 55 9.38 -15.91 18.86
CA VAL A 55 9.42 -14.49 19.18
C VAL A 55 10.82 -13.92 19.01
N LYS A 56 11.85 -14.77 18.96
CA LYS A 56 13.19 -14.23 18.73
C LYS A 56 13.64 -14.31 17.26
N HIS A 57 12.82 -14.87 16.36
CA HIS A 57 13.11 -14.93 14.94
C HIS A 57 12.88 -13.56 14.27
N PRO A 58 13.76 -13.15 13.33
CA PRO A 58 13.59 -11.82 12.70
C PRO A 58 12.21 -11.57 12.15
N VAL A 59 11.52 -12.59 11.65
CA VAL A 59 10.18 -12.34 11.14
C VAL A 59 9.26 -11.80 12.25
N TRP A 60 9.52 -12.16 13.51
CA TRP A 60 8.66 -11.69 14.58
C TRP A 60 8.68 -10.16 14.66
N GLN A 61 9.81 -9.54 14.34
CA GLN A 61 9.89 -8.07 14.27
C GLN A 61 8.89 -7.48 13.28
N ASP A 62 8.74 -8.10 12.10
CA ASP A 62 7.74 -7.62 11.17
C ASP A 62 6.32 -7.72 11.75
N LEU A 63 6.03 -8.82 12.46
CA LEU A 63 4.76 -8.95 13.15
C LEU A 63 4.59 -7.82 14.19
N GLU A 64 5.60 -7.64 15.05
CA GLU A 64 5.54 -6.63 16.09
C GLU A 64 5.29 -5.23 15.54
N LYS A 65 5.86 -4.90 14.37
CA LYS A 65 5.70 -3.58 13.79
C LYS A 65 4.43 -3.44 13.00
N GLY A 66 3.57 -4.45 12.99
CA GLY A 66 2.32 -4.36 12.27
C GLY A 66 2.44 -4.53 10.76
N LEU A 67 3.63 -4.86 10.24
CA LEU A 67 3.82 -5.06 8.81
C LEU A 67 3.11 -6.30 8.30
N ILE A 68 3.00 -7.34 9.13
CA ILE A 68 2.31 -8.56 8.77
C ILE A 68 1.40 -8.97 9.92
N ASN A 69 0.41 -9.80 9.63
CA ASN A 69 -0.41 -10.31 10.72
C ASN A 69 0.05 -11.71 11.15
N GLN A 70 -0.67 -12.30 12.11
CA GLN A 70 -0.22 -13.55 12.72
C GLN A 70 -0.28 -14.73 11.75
N GLU A 71 -1.35 -14.84 10.96
CA GLU A 71 -1.43 -15.90 9.93
C GLU A 71 -0.20 -15.85 9.04
N PHE A 72 0.14 -14.64 8.58
CA PHE A 72 1.26 -14.43 7.70
C PHE A 72 2.57 -14.79 8.39
N ALA A 73 2.77 -14.28 9.61
CA ALA A 73 4.01 -14.59 10.30
C ALA A 73 4.16 -16.11 10.52
N LEU A 74 3.05 -16.78 10.87
CA LEU A 74 3.20 -18.21 11.14
C LEU A 74 3.50 -18.99 9.86
N THR A 75 2.97 -18.54 8.71
CA THR A 75 3.32 -19.19 7.45
C THR A 75 4.82 -19.11 7.19
N ALA A 76 5.40 -17.91 7.30
CA ALA A 76 6.84 -17.78 7.14
C ALA A 76 7.59 -18.63 8.17
N LEU A 77 7.15 -18.60 9.45
CA LEU A 77 7.91 -19.32 10.47
C LEU A 77 7.78 -20.83 10.30
N SER A 78 6.63 -21.32 9.84
CA SER A 78 6.49 -22.77 9.66
C SER A 78 7.55 -23.27 8.69
N CYS A 79 7.86 -22.45 7.66
CA CYS A 79 8.98 -22.74 6.77
C CYS A 79 10.33 -22.61 7.49
N GLU A 80 10.64 -21.44 8.09
CA GLU A 80 11.99 -21.26 8.63
C GLU A 80 12.29 -22.18 9.81
N LEU A 81 11.29 -22.49 10.62
CA LEU A 81 11.48 -23.32 11.81
C LEU A 81 11.07 -24.78 11.57
N GLU A 82 10.73 -25.12 10.33
CA GLU A 82 10.44 -26.50 9.95
C GLU A 82 9.45 -27.13 10.91
N THR A 83 8.34 -26.41 11.15
CA THR A 83 7.35 -26.84 12.10
C THR A 83 6.01 -26.60 11.45
N PRO A 84 5.09 -27.57 11.52
CA PRO A 84 3.78 -27.33 10.89
C PRO A 84 3.13 -26.08 11.46
N CYS A 85 2.55 -25.29 10.58
CA CYS A 85 1.96 -24.03 10.99
C CYS A 85 0.84 -24.25 12.02
N SER A 86 0.04 -25.31 11.88
CA SER A 86 -1.00 -25.54 12.87
C SER A 86 -0.44 -25.86 14.24
N LYS A 87 0.79 -26.38 14.32
CA LYS A 87 1.41 -26.54 15.63
C LYS A 87 1.89 -25.20 16.20
N LEU A 88 2.53 -24.38 15.35
CA LEU A 88 2.93 -23.03 15.77
C LEU A 88 1.75 -22.23 16.29
N LYS A 89 0.62 -22.33 15.61
CA LYS A 89 -0.55 -21.59 16.03
C LYS A 89 -1.03 -22.07 17.39
N GLU A 90 -1.10 -23.39 17.55
CA GLU A 90 -1.51 -23.97 18.82
C GLU A 90 -0.56 -23.54 19.93
N MET A 91 0.74 -23.63 19.71
CA MET A 91 1.71 -23.16 20.71
C MET A 91 1.48 -21.70 21.08
N LEU A 92 1.22 -20.85 20.09
CA LEU A 92 1.08 -19.42 20.37
C LEU A 92 -0.20 -19.14 21.12
N GLU A 93 -1.30 -19.81 20.75
CA GLU A 93 -2.55 -19.61 21.46
C GLU A 93 -2.43 -20.03 22.93
N LEU A 94 -1.84 -21.19 23.19
CA LEU A 94 -1.68 -21.65 24.56
C LEU A 94 -0.81 -20.68 25.36
N SER A 95 0.32 -20.24 24.79
CA SER A 95 1.13 -19.24 25.49
C SER A 95 0.29 -18.00 25.82
N ILE A 96 -0.47 -17.52 24.85
CA ILE A 96 -1.23 -16.31 25.07
C ILE A 96 -2.28 -16.54 26.16
N ALA A 97 -2.87 -17.73 26.18
CA ALA A 97 -3.93 -18.02 27.11
C ALA A 97 -3.41 -18.16 28.53
N SER A 98 -2.12 -18.35 28.71
CA SER A 98 -1.53 -18.58 30.00
C SER A 98 -0.97 -17.32 30.63
N LEU A 99 -1.17 -16.16 30.00
CA LEU A 99 -0.63 -14.92 30.52
C LEU A 99 -1.42 -14.45 31.73
N GLN A 100 -0.72 -13.87 32.70
CA GLN A 100 -1.34 -13.32 33.90
C GLN A 100 -0.61 -12.04 34.26
N VAL A 101 -1.26 -11.22 35.07
CA VAL A 101 -0.57 -10.04 35.58
C VAL A 101 0.58 -10.42 36.53
N ASN A 102 1.52 -9.52 36.63
CA ASN A 102 2.49 -9.53 37.70
C ASN A 102 1.88 -8.76 38.87
N PRO A 103 1.45 -9.48 39.91
CA PRO A 103 0.60 -8.83 40.94
C PRO A 103 1.28 -7.65 41.63
N LEU A 104 2.54 -7.80 42.04
CA LEU A 104 3.28 -6.67 42.59
C LEU A 104 3.29 -5.48 41.64
N MET A 105 3.60 -5.72 40.37
CA MET A 105 3.82 -4.59 39.48
C MET A 105 2.52 -3.93 39.08
N VAL A 106 1.44 -4.69 38.95
CA VAL A 106 0.15 -4.05 38.71
C VAL A 106 -0.25 -3.18 39.91
N GLU A 107 0.05 -3.65 41.13
CA GLU A 107 -0.26 -2.84 42.30
C GLU A 107 0.56 -1.55 42.31
N VAL A 108 1.88 -1.66 41.99
CA VAL A 108 2.74 -0.49 41.79
C VAL A 108 2.09 0.52 40.84
N LEU A 109 1.67 0.03 39.66
CA LEU A 109 1.03 0.89 38.66
C LEU A 109 -0.22 1.55 39.22
N ARG A 110 -1.06 0.79 39.93
CA ARG A 110 -2.27 1.36 40.50
C ARG A 110 -1.92 2.46 41.50
N VAL A 111 -0.86 2.25 42.29
CA VAL A 111 -0.53 3.26 43.28
C VAL A 111 0.03 4.52 42.60
N LEU A 112 0.91 4.35 41.59
CA LEU A 112 1.43 5.53 40.90
C LEU A 112 0.29 6.33 40.26
N HIS A 113 -0.72 5.64 39.74
CA HIS A 113 -1.90 6.33 39.23
C HIS A 113 -2.62 7.11 40.32
N LYS A 114 -2.76 6.53 41.52
CA LYS A 114 -3.43 7.24 42.60
C LYS A 114 -2.67 8.52 42.97
N LYS A 115 -1.34 8.43 43.08
CA LYS A 115 -0.51 9.59 43.33
C LYS A 115 -0.48 10.60 42.15
N ASP A 116 -1.34 10.43 41.14
CA ASP A 116 -1.38 11.34 39.97
C ASP A 116 0.00 11.52 39.32
N LYS A 117 0.76 10.43 39.13
CA LYS A 117 1.87 10.44 38.19
C LYS A 117 1.38 10.44 36.74
N GLN A 118 2.24 10.83 35.83
CA GLN A 118 2.04 10.57 34.40
C GLN A 118 2.63 9.20 34.09
N ILE A 119 1.81 8.29 33.54
CA ILE A 119 2.23 6.91 33.31
C ILE A 119 1.99 6.54 31.85
N TYR A 120 3.00 5.95 31.22
CA TYR A 120 2.90 5.57 29.83
C TYR A 120 3.26 4.12 29.69
N CYS A 121 2.59 3.44 28.78
CA CYS A 121 2.95 2.09 28.38
C CYS A 121 3.70 2.15 27.03
N LEU A 122 4.89 1.55 26.99
CA LEU A 122 5.74 1.48 25.79
C LEU A 122 6.15 0.03 25.60
N SER A 123 5.64 -0.64 24.55
CA SER A 123 5.87 -2.07 24.48
C SER A 123 5.86 -2.59 23.03
N ASN A 124 6.65 -3.64 22.77
CA ASN A 124 6.59 -4.39 21.51
C ASN A 124 5.51 -5.44 21.65
N VAL A 125 4.39 -5.27 20.92
CA VAL A 125 3.30 -6.24 20.89
C VAL A 125 2.73 -6.20 19.49
N ASP A 126 2.42 -7.37 18.91
CA ASP A 126 1.70 -7.36 17.63
C ASP A 126 0.24 -6.94 17.85
N LEU A 127 -0.43 -6.58 16.74
CA LEU A 127 -1.72 -5.95 16.83
C LEU A 127 -2.79 -6.87 17.42
N GLU A 128 -2.85 -8.12 16.96
CA GLU A 128 -3.93 -8.98 17.41
C GLU A 128 -3.71 -9.41 18.86
N SER A 129 -2.46 -9.65 19.28
CA SER A 129 -2.17 -9.82 20.69
C SER A 129 -2.56 -8.60 21.51
N PHE A 130 -2.34 -7.39 21.00
CA PHE A 130 -2.66 -6.21 21.79
C PHE A 130 -4.17 -6.10 22.00
N SER A 131 -4.93 -6.27 20.94
CA SER A 131 -6.36 -6.39 21.01
C SER A 131 -6.78 -7.35 22.13
N TYR A 132 -6.25 -8.56 22.08
CA TYR A 132 -6.60 -9.57 23.08
C TYR A 132 -6.24 -9.08 24.48
N LEU A 133 -5.00 -8.60 24.66
CA LEU A 133 -4.59 -8.13 25.97
C LEU A 133 -5.46 -6.98 26.46
N TYR A 134 -5.87 -6.12 25.55
CA TYR A 134 -6.68 -4.98 25.97
C TYR A 134 -8.00 -5.47 26.58
N LYS A 135 -8.62 -6.46 25.95
CA LYS A 135 -9.88 -6.99 26.44
C LYS A 135 -9.68 -7.75 27.75
N GLN A 136 -8.60 -8.52 27.88
CA GLN A 136 -8.45 -9.52 28.94
C GLN A 136 -8.05 -8.92 30.27
N PHE A 137 -7.23 -7.88 30.27
CA PHE A 137 -6.72 -7.33 31.50
C PHE A 137 -7.29 -5.94 31.73
N ASP A 138 -7.15 -5.46 32.99
CA ASP A 138 -7.88 -4.25 33.41
C ASP A 138 -6.97 -3.20 34.05
N PHE A 139 -5.66 -3.28 33.84
CA PHE A 139 -4.78 -2.21 34.26
C PHE A 139 -4.60 -1.09 33.20
N TRP A 140 -5.21 -1.19 32.01
CA TRP A 140 -5.01 -0.16 30.98
C TRP A 140 -5.47 1.20 31.44
N LYS A 141 -6.51 1.24 32.27
CA LYS A 141 -7.05 2.50 32.77
C LYS A 141 -6.02 3.29 33.58
N TYR A 142 -4.96 2.64 34.07
CA TYR A 142 -3.95 3.37 34.78
C TYR A 142 -2.99 4.15 33.88
N PHE A 143 -3.09 4.04 32.55
CA PHE A 143 -2.10 4.64 31.66
C PHE A 143 -2.59 6.00 31.14
N ASP A 144 -1.71 6.97 31.08
CA ASP A 144 -2.08 8.21 30.41
C ASP A 144 -1.91 8.14 28.90
N GLY A 145 -1.10 7.23 28.39
CA GLY A 145 -0.97 7.04 26.96
C GLY A 145 -0.36 5.69 26.71
N ILE A 146 -0.75 5.07 25.60
CA ILE A 146 -0.34 3.70 25.26
C ILE A 146 0.36 3.70 23.90
N TYR A 147 1.62 3.28 23.91
CA TYR A 147 2.51 3.33 22.76
C TYR A 147 2.97 1.91 22.45
N VAL A 148 2.37 1.29 21.45
CA VAL A 148 2.55 -0.12 21.18
C VAL A 148 3.13 -0.27 19.77
N SER A 149 4.17 -1.11 19.64
CA SER A 149 4.92 -1.20 18.38
C SER A 149 4.01 -1.37 17.18
N ALA A 150 3.00 -2.25 17.27
CA ALA A 150 2.14 -2.49 16.10
C ALA A 150 1.29 -1.28 15.72
N LEU A 151 1.09 -0.31 16.61
CA LEU A 151 0.43 0.91 16.17
C LEU A 151 1.42 1.97 15.77
N LEU A 152 2.72 1.73 15.98
CA LEU A 152 3.70 2.76 15.72
C LEU A 152 4.55 2.50 14.51
N GLN A 153 4.56 1.26 13.99
CA GLN A 153 5.56 0.82 13.01
C GLN A 153 6.97 1.14 13.51
N LEU A 154 7.20 0.94 14.80
CA LEU A 154 8.51 1.10 15.41
C LEU A 154 8.64 0.04 16.51
N ARG A 155 9.85 -0.28 16.93
CA ARG A 155 9.96 -1.23 18.02
C ARG A 155 11.22 -0.98 18.83
N LYS A 156 11.11 -1.22 20.13
CA LYS A 156 12.28 -1.24 20.98
C LYS A 156 13.25 -2.30 20.48
N PRO A 157 14.55 -2.05 20.55
CA PRO A 157 15.22 -0.88 21.15
C PRO A 157 15.61 0.22 20.16
N ASN A 158 14.93 0.31 19.01
CA ASN A 158 15.24 1.37 18.06
C ASN A 158 15.15 2.72 18.77
N PRO A 159 16.18 3.56 18.70
CA PRO A 159 16.09 4.91 19.30
C PRO A 159 14.89 5.69 18.85
N ASP A 160 14.43 5.47 17.63
CA ASP A 160 13.30 6.23 17.11
C ASP A 160 12.04 6.02 17.95
N ILE A 161 11.87 4.85 18.59
CA ILE A 161 10.64 4.68 19.36
C ILE A 161 10.72 5.52 20.64
N PHE A 162 11.89 5.60 21.27
CA PHE A 162 12.03 6.50 22.42
C PHE A 162 11.83 7.94 22.01
N GLN A 163 12.45 8.35 20.91
CA GLN A 163 12.27 9.71 20.45
C GLN A 163 10.80 10.02 20.18
N TYR A 164 10.09 9.09 19.55
CA TYR A 164 8.70 9.39 19.23
C TYR A 164 7.87 9.51 20.51
N LEU A 165 8.11 8.64 21.49
CA LEU A 165 7.35 8.72 22.74
C LEU A 165 7.60 10.05 23.44
N ILE A 166 8.88 10.42 23.57
CA ILE A 166 9.25 11.66 24.23
C ILE A 166 8.60 12.86 23.55
N SER A 167 8.55 12.86 22.22
CA SER A 167 7.94 13.97 21.50
C SER A 167 6.43 13.91 21.52
N SER A 168 5.87 12.71 21.29
CA SER A 168 4.42 12.57 21.28
C SER A 168 3.82 13.04 22.60
N ALA A 169 4.41 12.62 23.71
CA ALA A 169 3.83 12.85 25.02
C ALA A 169 4.39 14.08 25.71
N SER A 170 5.29 14.82 25.06
CA SER A 170 5.92 16.00 25.69
C SER A 170 6.60 15.62 27.00
N ILE A 171 7.41 14.58 26.97
CA ILE A 171 7.98 14.10 28.22
C ILE A 171 9.17 14.96 28.60
N ASN A 172 9.22 15.35 29.86
CA ASN A 172 10.43 15.93 30.45
C ASN A 172 11.29 14.79 30.96
N THR A 173 12.33 14.44 30.21
CA THR A 173 13.07 13.23 30.54
C THR A 173 13.75 13.31 31.90
N LYS A 174 13.96 14.51 32.42
CA LYS A 174 14.72 14.61 33.67
C LYS A 174 13.96 13.99 34.82
N SER A 175 12.64 14.14 34.84
CA SER A 175 11.78 13.56 35.85
C SER A 175 11.04 12.34 35.33
N THR A 176 11.70 11.52 34.53
CA THR A 176 11.08 10.33 33.95
C THR A 176 11.93 9.14 34.30
N ILE A 177 11.27 8.07 34.76
CA ILE A 177 11.98 6.81 34.99
C ILE A 177 11.32 5.73 34.15
N PHE A 178 12.12 4.76 33.75
CA PHE A 178 11.68 3.76 32.80
C PHE A 178 11.96 2.38 33.39
N ILE A 179 10.93 1.55 33.47
CA ILE A 179 11.01 0.23 34.11
C ILE A 179 10.99 -0.86 33.03
N ASP A 180 12.03 -1.66 32.99
CA ASP A 180 12.08 -2.64 31.93
C ASP A 180 12.99 -3.73 32.44
N ASP A 181 12.85 -4.93 31.88
CA ASP A 181 13.75 -6.03 32.23
C ASP A 181 14.91 -6.20 31.26
N LYS A 182 14.86 -5.65 30.04
CA LYS A 182 15.93 -5.85 29.06
C LYS A 182 16.93 -4.71 29.17
N SER A 183 18.20 -5.07 29.35
CA SER A 183 19.23 -4.07 29.52
C SER A 183 19.37 -3.16 28.30
N GLU A 184 19.19 -3.71 27.09
CA GLU A 184 19.41 -2.82 25.95
C GLU A 184 18.28 -1.81 25.77
N ASN A 185 17.07 -2.06 26.30
CA ASN A 185 16.06 -1.01 26.25
C ASN A 185 16.42 0.10 27.21
N LEU A 186 16.90 -0.28 28.39
CA LEU A 186 17.19 0.68 29.46
C LEU A 186 18.33 1.60 29.07
N GLN A 187 19.37 1.04 28.44
CA GLN A 187 20.51 1.80 27.96
C GLN A 187 20.11 2.80 26.87
N GLU A 188 19.21 2.37 25.98
CA GLU A 188 18.72 3.27 24.95
C GLU A 188 17.93 4.42 25.58
N ALA A 189 17.18 4.14 26.65
CA ALA A 189 16.40 5.20 27.29
C ALA A 189 17.28 6.14 28.12
N ALA A 190 18.29 5.60 28.81
CA ALA A 190 19.20 6.47 29.56
C ALA A 190 19.93 7.44 28.64
N ASN A 191 20.31 7.00 27.44
CA ASN A 191 20.95 7.90 26.50
C ASN A 191 20.01 8.96 25.97
N PHE A 192 18.74 8.90 26.30
CA PHE A 192 17.83 10.01 26.08
C PHE A 192 17.65 10.82 27.35
N GLY A 193 18.40 10.47 28.41
CA GLY A 193 18.30 11.16 29.67
C GLY A 193 17.25 10.64 30.65
N ILE A 194 16.54 9.53 30.31
CA ILE A 194 15.55 8.93 31.21
C ILE A 194 16.27 8.06 32.24
N SER A 195 15.87 8.16 33.50
CA SER A 195 16.47 7.26 34.48
C SER A 195 15.89 5.86 34.35
N THR A 196 16.68 4.86 34.77
CA THR A 196 16.32 3.48 34.47
C THR A 196 16.09 2.67 35.75
N LEU A 197 15.24 1.64 35.63
CA LEU A 197 14.93 0.73 36.73
C LEU A 197 14.84 -0.68 36.14
N LYS A 198 15.87 -1.48 36.35
CA LYS A 198 15.92 -2.83 35.79
C LYS A 198 15.11 -3.76 36.69
N TYR A 199 14.06 -4.35 36.14
CA TYR A 199 13.22 -5.30 36.86
C TYR A 199 13.84 -6.69 36.80
N ASN A 200 14.40 -7.16 37.91
CA ASN A 200 14.95 -8.51 38.02
C ASN A 200 14.04 -9.37 38.89
N LYS A 201 14.33 -10.68 38.92
CA LYS A 201 13.50 -11.60 39.69
C LYS A 201 13.39 -11.16 41.15
N ASP A 202 14.52 -10.98 41.83
CA ASP A 202 14.52 -10.74 43.27
C ASP A 202 15.02 -9.35 43.66
N ASN A 203 15.28 -8.46 42.69
CA ASN A 203 15.71 -7.11 43.02
C ASN A 203 15.35 -6.13 41.91
N PHE A 204 15.58 -4.85 42.18
CA PHE A 204 15.55 -3.80 41.18
C PHE A 204 16.93 -3.14 41.10
N GLU A 205 17.38 -2.84 39.88
CA GLU A 205 18.58 -2.01 39.68
C GLU A 205 18.16 -0.59 39.30
N TYR A 206 18.50 0.37 40.14
CA TYR A 206 18.12 1.77 39.98
C TYR A 206 19.32 2.60 39.56
N THR A 207 19.20 3.27 38.41
CA THR A 207 20.25 4.16 37.88
C THR A 207 19.62 5.52 37.69
N ALA A 208 19.96 6.47 38.56
CA ALA A 208 19.61 7.86 38.30
C ALA A 208 20.44 8.39 37.14
N ILE A 209 19.81 9.18 36.26
CA ILE A 209 20.44 9.65 35.03
C ILE A 209 20.31 11.15 35.03
N GLU A 210 21.42 11.85 35.26
CA GLU A 210 21.36 13.30 35.27
C GLU A 210 20.92 13.84 33.91
N GLY A 211 21.51 13.31 32.84
CA GLY A 211 21.18 13.67 31.46
C GLY A 211 21.41 15.15 31.24
N GLY A 212 20.63 15.72 30.32
CA GLY A 212 20.73 17.15 30.08
C GLY A 212 21.00 17.54 28.64
N TRP A 213 21.88 16.77 27.95
CA TRP A 213 22.15 16.87 26.52
C TRP A 213 20.85 16.83 25.72
N PRO A 214 20.82 17.35 24.50
CA PRO A 214 19.58 17.44 23.74
C PRO A 214 19.31 16.19 22.91
N ILE A 215 18.09 16.13 22.37
CA ILE A 215 17.55 14.93 21.72
C ILE A 215 17.74 15.05 20.21
N PRO A 216 18.30 14.01 19.53
CA PRO A 216 18.59 13.98 18.08
C PRO A 216 17.51 14.63 17.22
N ASN A 219 12.35 13.62 13.31
CA ASN A 219 11.86 12.46 12.58
C ASN A 219 11.12 12.97 11.34
N MET A 220 9.88 12.50 11.12
CA MET A 220 9.01 12.98 10.03
C MET A 220 8.65 14.47 10.15
N THR A 221 9.13 15.14 11.21
CA THR A 221 8.53 16.40 11.65
C THR A 221 8.57 17.55 10.62
N PRO A 222 9.64 17.72 9.82
CA PRO A 222 9.59 18.80 8.81
C PRO A 222 8.54 18.57 7.73
N GLU A 223 8.51 17.36 7.14
CA GLU A 223 7.45 17.05 6.19
C GLU A 223 6.10 17.35 6.79
N ILE A 224 5.89 16.97 8.06
CA ILE A 224 4.57 17.08 8.65
C ILE A 224 4.11 18.52 8.65
N HIS A 225 4.98 19.45 9.03
CA HIS A 225 4.56 20.84 9.15
C HIS A 225 4.15 21.44 7.81
N LYS A 226 4.87 21.10 6.73
CA LYS A 226 4.51 21.61 5.41
C LYS A 226 3.22 20.97 4.92
N LYS A 227 2.99 19.67 5.18
CA LYS A 227 1.75 19.10 4.69
C LYS A 227 0.57 19.64 5.47
N ARG A 228 0.75 19.89 6.78
CA ARG A 228 -0.33 20.48 7.58
C ARG A 228 -0.68 21.85 7.05
N THR A 229 0.33 22.70 6.82
CA THR A 229 0.12 24.04 6.29
C THR A 229 -0.57 24.01 4.93
N LEU A 230 -0.07 23.17 4.03
CA LEU A 230 -0.66 23.06 2.70
C LEU A 230 -2.13 22.63 2.77
N GLY A 231 -2.47 21.65 3.64
CA GLY A 231 -3.87 21.26 3.81
C GLY A 231 -4.73 22.37 4.44
N GLU A 232 -4.21 23.06 5.46
CA GLU A 232 -4.93 24.19 6.03
C GLU A 232 -5.24 25.23 4.98
N ASP A 233 -4.20 25.75 4.30
CA ASP A 233 -4.44 26.70 3.21
C ASP A 233 -5.47 26.18 2.21
N TYR A 234 -5.39 24.90 1.83
CA TYR A 234 -6.40 24.38 0.89
C TYR A 234 -7.80 24.49 1.48
N LEU A 235 -7.98 24.03 2.73
CA LEU A 235 -9.33 23.99 3.28
C LEU A 235 -9.87 25.39 3.54
N ASN A 236 -9.00 26.28 4.05
CA ASN A 236 -9.42 27.65 4.31
C ASN A 236 -9.88 28.36 3.04
N LEU A 237 -9.13 28.18 1.94
CA LEU A 237 -9.58 28.76 0.67
C LEU A 237 -10.93 28.18 0.26
N ARG A 238 -11.12 26.85 0.37
CA ARG A 238 -12.40 26.28 -0.06
C ARG A 238 -13.56 26.81 0.77
N LEU A 239 -13.39 26.91 2.09
CA LEU A 239 -14.54 27.28 2.91
C LEU A 239 -14.77 28.79 2.97
N ARG A 240 -13.70 29.61 2.79
CA ARG A 240 -13.90 31.05 2.61
C ARG A 240 -14.60 31.34 1.31
N LYS A 241 -14.33 30.55 0.26
CA LYS A 241 -15.06 30.72 -0.99
C LYS A 241 -16.46 30.11 -0.92
N PHE A 242 -16.61 28.92 -0.33
CA PHE A 242 -17.90 28.23 -0.26
C PHE A 242 -18.19 27.80 1.17
N PRO A 243 -18.59 28.73 2.05
CA PRO A 243 -18.87 28.33 3.44
C PRO A 243 -20.09 27.43 3.56
N PHE A 244 -21.00 27.43 2.58
CA PHE A 244 -21.98 26.34 2.51
C PHE A 244 -21.30 25.13 1.88
N CYS A 245 -20.94 24.15 2.69
CA CYS A 245 -20.01 23.11 2.23
C CYS A 245 -20.54 22.44 0.99
N LYS A 246 -19.69 22.38 -0.04
CA LYS A 246 -20.16 21.76 -1.28
C LYS A 246 -20.24 20.25 -1.11
N SER A 247 -20.88 19.60 -2.07
CA SER A 247 -20.90 18.15 -2.09
C SER A 247 -21.10 17.68 -3.52
N PHE A 248 -20.66 16.46 -3.78
CA PHE A 248 -20.87 15.78 -5.04
C PHE A 248 -21.61 14.48 -4.77
N VAL A 249 -22.44 14.08 -5.73
CA VAL A 249 -23.19 12.82 -5.64
C VAL A 249 -22.71 11.86 -6.72
N SER A 250 -22.68 10.57 -6.38
CA SER A 250 -22.39 9.55 -7.36
C SER A 250 -22.84 8.24 -6.78
N ASN A 251 -22.51 7.14 -7.46
CA ASN A 251 -23.00 5.84 -7.07
C ASN A 251 -21.91 4.99 -6.43
N ASN A 252 -20.79 5.59 -6.09
CA ASN A 252 -19.66 4.89 -5.51
C ASN A 252 -19.02 5.81 -4.47
N VAL A 253 -18.31 5.18 -3.52
CA VAL A 253 -17.78 5.89 -2.37
C VAL A 253 -16.67 6.85 -2.76
N GLU A 254 -15.95 6.59 -3.84
CA GLU A 254 -14.92 7.53 -4.29
C GLU A 254 -15.47 8.69 -5.10
N LEU A 255 -16.76 8.72 -5.38
CA LEU A 255 -17.40 9.81 -6.10
C LEU A 255 -16.70 10.04 -7.44
N ILE A 256 -16.30 8.95 -8.09
CA ILE A 256 -15.75 9.02 -9.42
C ILE A 256 -16.87 9.34 -10.39
N GLY A 257 -16.67 10.37 -11.21
CA GLY A 257 -17.75 10.82 -12.05
C GLY A 257 -18.88 11.50 -11.32
N GLY A 258 -18.66 11.92 -10.08
CA GLY A 258 -19.71 12.62 -9.36
C GLY A 258 -20.05 13.95 -10.00
N GLU A 259 -21.28 14.39 -9.74
CA GLU A 259 -21.72 15.72 -10.13
C GLU A 259 -21.85 16.60 -8.89
N ASP A 260 -21.62 17.89 -9.10
CA ASP A 260 -21.88 18.89 -8.07
C ASP A 260 -23.34 18.85 -7.64
N PHE A 261 -23.58 18.64 -6.35
CA PHE A 261 -24.91 18.77 -5.77
C PHE A 261 -24.96 20.03 -4.93
N SER A 262 -24.35 20.04 -3.74
CA SER A 262 -24.10 21.27 -3.00
C SER A 262 -25.39 21.93 -2.52
N LYS A 263 -26.43 21.16 -2.31
CA LYS A 263 -27.70 21.70 -1.83
C LYS A 263 -28.18 21.02 -0.55
N GLU A 264 -27.25 20.52 0.29
CA GLU A 264 -27.60 19.95 1.58
C GLU A 264 -26.75 20.60 2.66
N ILE A 265 -27.38 20.85 3.81
CA ILE A 265 -26.73 21.53 4.94
C ILE A 265 -25.91 20.60 5.85
N PHE A 266 -26.06 19.30 5.72
CA PHE A 266 -25.46 18.40 6.72
C PHE A 266 -23.92 18.41 6.68
N SER A 267 -23.30 18.42 5.48
CA SER A 267 -21.83 18.49 5.43
C SER A 267 -21.30 19.69 6.21
N THR A 268 -21.96 20.85 6.07
CA THR A 268 -21.50 22.05 6.78
C THR A 268 -21.52 21.82 8.28
N ALA A 269 -22.63 21.25 8.80
CA ALA A 269 -22.74 20.89 10.22
C ALA A 269 -21.67 19.92 10.62
N VAL A 270 -21.43 18.89 9.79
CA VAL A 270 -20.38 17.92 10.10
C VAL A 270 -19.02 18.58 10.24
N ILE A 271 -18.69 19.49 9.32
CA ILE A 271 -17.38 20.15 9.42
C ILE A 271 -17.30 21.02 10.67
N LEU A 272 -18.36 21.84 10.93
CA LEU A 272 -18.36 22.67 12.17
C LEU A 272 -18.12 21.80 13.40
N HIS A 273 -18.74 20.63 13.41
CA HIS A 273 -18.81 19.76 14.58
C HIS A 273 -17.49 19.04 14.87
N SER A 274 -16.63 18.84 13.82
CA SER A 274 -15.53 17.88 13.83
C SER A 274 -14.14 18.48 13.71
N TYR A 275 -13.94 19.56 12.97
CA TYR A 275 -12.61 20.15 12.81
C TYR A 275 -12.49 21.34 13.77
N THR A 276 -11.64 21.19 14.78
CA THR A 276 -11.62 22.09 15.92
C THR A 276 -10.64 23.26 15.74
N SER A 277 -10.00 23.40 14.57
CA SER A 277 -9.03 24.48 14.34
C SER A 277 -9.45 25.42 13.22
N LEU A 278 -10.68 25.36 12.76
CA LEU A 278 -11.12 26.31 11.75
C LEU A 278 -10.88 27.74 12.22
N PRO A 279 -10.37 28.62 11.34
CA PRO A 279 -10.28 30.05 11.69
C PRO A 279 -11.64 30.60 12.11
N ASP A 280 -11.62 31.61 13.00
CA ASP A 280 -12.87 32.11 13.57
C ASP A 280 -13.78 32.65 12.49
N ASP A 281 -13.22 33.29 11.47
CA ASP A 281 -14.08 33.93 10.47
C ASP A 281 -14.87 32.89 9.68
N ILE A 282 -14.32 31.68 9.52
CA ILE A 282 -14.98 30.62 8.75
C ILE A 282 -16.07 29.96 9.58
N ILE A 283 -15.80 29.75 10.88
CA ILE A 283 -16.83 29.29 11.83
C ILE A 283 -18.05 30.19 11.75
N ALA A 284 -17.83 31.51 11.83
CA ALA A 284 -18.93 32.47 11.77
C ALA A 284 -19.70 32.36 10.45
N SER A 285 -19.00 32.30 9.31
CA SER A 285 -19.72 32.21 8.04
C SER A 285 -20.43 30.88 7.90
N MET A 286 -19.81 29.81 8.37
CA MET A 286 -20.51 28.54 8.27
C MET A 286 -21.66 28.46 9.26
N CYS A 287 -21.48 29.04 10.45
CA CYS A 287 -22.58 29.08 11.40
C CYS A 287 -23.74 29.87 10.81
N HIS A 288 -23.43 30.95 10.09
CA HIS A 288 -24.47 31.73 9.46
C HIS A 288 -25.23 30.89 8.46
N GLU A 289 -24.54 30.03 7.71
CA GLU A 289 -25.25 29.17 6.78
C GLU A 289 -26.21 28.24 7.52
N ILE A 290 -25.82 27.76 8.70
CA ILE A 290 -26.72 26.91 9.51
C ILE A 290 -27.96 27.68 9.94
N LEU A 291 -27.75 28.85 10.54
CA LEU A 291 -28.90 29.60 11.06
C LEU A 291 -29.84 30.03 9.95
N ASN A 292 -29.30 30.49 8.84
CA ASN A 292 -30.11 30.95 7.73
C ASN A 292 -30.53 29.86 6.79
N HIS A 293 -30.32 28.61 7.12
CA HIS A 293 -30.68 27.53 6.22
C HIS A 293 -32.18 27.50 5.98
N ASP A 294 -32.56 27.37 4.70
CA ASP A 294 -33.91 27.20 4.18
C ASP A 294 -34.81 26.31 5.01
N GLY A 295 -34.38 25.08 5.21
CA GLY A 295 -35.21 24.06 5.82
C GLY A 295 -35.08 23.97 7.32
N GLN A 296 -34.92 25.10 8.01
CA GLN A 296 -35.11 25.15 9.46
C GLN A 296 -36.58 25.55 9.71
N ASN A 297 -37.30 24.72 10.46
CA ASN A 297 -38.68 25.03 10.89
C ASN A 297 -38.79 24.77 12.40
N LYS A 298 -38.75 25.85 13.19
CA LYS A 298 -38.94 25.72 14.63
C LYS A 298 -37.85 24.84 15.26
N LEU A 299 -36.60 25.23 15.03
CA LEU A 299 -35.42 24.52 15.50
C LEU A 299 -35.42 23.03 15.10
N ARG A 300 -36.15 22.65 14.05
CA ARG A 300 -35.92 21.37 13.38
C ARG A 300 -35.31 21.65 12.01
N TRP A 301 -34.33 20.83 11.61
CA TRP A 301 -33.63 21.03 10.35
C TRP A 301 -33.94 19.91 9.35
N CYS A 302 -34.06 20.32 8.09
CA CYS A 302 -34.12 19.42 6.94
C CYS A 302 -32.73 19.34 6.31
N PHE A 303 -32.36 18.13 5.92
CA PHE A 303 -31.17 17.90 5.10
C PHE A 303 -31.07 18.87 3.91
N TYR A 304 -32.18 19.11 3.21
CA TYR A 304 -32.14 19.83 1.93
C TYR A 304 -32.38 21.33 2.08
N LYS A 305 -31.69 22.11 1.27
CA LYS A 305 -32.21 23.43 0.90
C LYS A 305 -33.61 23.26 0.31
N ASN A 306 -34.48 24.24 0.53
CA ASN A 306 -35.86 24.15 0.02
C ASN A 306 -35.89 23.86 -1.48
N GLU A 307 -35.09 24.57 -2.27
CA GLU A 307 -35.07 24.36 -3.71
C GLU A 307 -34.75 22.93 -4.10
N ALA A 308 -34.08 22.17 -3.23
CA ALA A 308 -33.72 20.79 -3.55
C ALA A 308 -34.55 19.77 -2.78
N ARG A 309 -35.40 20.20 -1.88
CA ARG A 309 -36.21 19.28 -1.07
C ARG A 309 -37.17 18.49 -1.94
N PRO A 310 -37.06 17.17 -2.02
CA PRO A 310 -38.13 16.40 -2.67
C PRO A 310 -39.47 16.63 -2.00
N ASP A 311 -40.52 16.32 -2.74
CA ASP A 311 -41.86 16.47 -2.20
C ASP A 311 -42.05 15.63 -0.95
N ASN A 312 -42.55 16.26 0.10
CA ASN A 312 -42.83 15.60 1.37
C ASN A 312 -41.58 15.07 2.07
N PHE A 313 -40.42 15.71 1.86
CA PHE A 313 -39.26 15.20 2.55
C PHE A 313 -39.22 15.81 3.96
N PRO A 314 -39.17 15.00 5.00
CA PRO A 314 -39.32 15.51 6.36
C PRO A 314 -38.03 16.12 6.88
N ASP A 315 -38.17 16.86 7.98
CA ASP A 315 -37.02 17.18 8.83
C ASP A 315 -36.54 15.89 9.46
N ASP A 316 -35.22 15.78 9.71
CA ASP A 316 -34.67 14.54 10.23
C ASP A 316 -33.83 14.81 11.48
N LEU A 317 -33.70 13.76 12.29
CA LEU A 317 -33.10 13.90 13.61
C LEU A 317 -31.58 13.95 13.55
N ASN A 318 -30.98 13.44 12.49
CA ASN A 318 -29.53 13.48 12.39
C ASN A 318 -29.03 14.90 12.13
N THR A 319 -29.60 15.57 11.12
CA THR A 319 -29.25 16.99 10.92
C THR A 319 -29.63 17.84 12.13
N THR A 320 -30.82 17.61 12.70
CA THR A 320 -31.28 18.41 13.84
C THR A 320 -30.41 18.18 15.07
N SER A 321 -30.18 16.92 15.42
CA SER A 321 -29.29 16.66 16.57
C SER A 321 -27.94 17.30 16.40
N MET A 322 -27.32 17.17 15.23
CA MET A 322 -25.96 17.65 15.10
C MET A 322 -25.92 19.17 15.14
N VAL A 323 -26.92 19.81 14.52
CA VAL A 323 -26.99 21.27 14.53
C VAL A 323 -27.30 21.80 15.94
N LEU A 324 -28.35 21.27 16.61
CA LEU A 324 -28.65 21.76 17.96
C LEU A 324 -27.44 21.59 18.88
N SER A 325 -26.76 20.45 18.77
CA SER A 325 -25.63 20.19 19.64
C SER A 325 -24.49 21.19 19.39
N PHE A 326 -24.18 21.47 18.12
CA PHE A 326 -23.19 22.52 17.80
C PHE A 326 -23.67 23.92 18.25
N LEU A 327 -24.93 24.25 18.01
CA LEU A 327 -25.38 25.58 18.39
C LEU A 327 -25.30 25.77 19.91
N LEU A 328 -25.62 24.73 20.68
CA LEU A 328 -25.57 24.86 22.14
C LEU A 328 -24.13 24.96 22.63
N ASN A 329 -23.22 24.19 22.04
CA ASN A 329 -21.83 24.22 22.46
C ASN A 329 -21.18 25.56 22.15
N HIS A 330 -21.68 26.29 21.16
CA HIS A 330 -21.11 27.56 20.75
C HIS A 330 -21.94 28.74 21.23
N ASN A 331 -22.90 28.51 22.11
CA ASN A 331 -23.62 29.54 22.87
C ASN A 331 -24.54 30.34 22.00
N LYS A 332 -25.11 29.71 20.99
CA LYS A 332 -26.08 30.34 20.11
C LYS A 332 -27.51 29.93 20.41
N LEU A 333 -27.70 28.93 21.27
CA LEU A 333 -29.03 28.49 21.67
C LEU A 333 -28.95 28.09 23.14
N THR A 334 -30.06 28.24 23.87
CA THR A 334 -30.10 27.79 25.25
C THR A 334 -30.71 26.38 25.36
N ILE A 335 -30.33 25.68 26.42
CA ILE A 335 -30.93 24.36 26.68
C ILE A 335 -32.45 24.46 26.70
N GLU A 336 -32.97 25.57 27.23
CA GLU A 336 -34.41 25.65 27.44
C GLU A 336 -35.14 25.78 26.11
N LYS A 337 -34.48 26.32 25.07
CA LYS A 337 -35.07 26.35 23.72
C LYS A 337 -34.99 24.99 23.03
N ILE A 338 -33.95 24.21 23.34
CA ILE A 338 -33.69 22.93 22.71
C ILE A 338 -34.56 21.83 23.30
N ILE A 339 -34.85 21.90 24.61
CA ILE A 339 -35.48 20.77 25.29
C ILE A 339 -36.84 20.41 24.68
N PRO A 340 -37.65 21.36 24.21
CA PRO A 340 -38.90 20.93 23.54
C PRO A 340 -38.65 20.13 22.26
N VAL A 341 -37.58 20.42 21.51
CA VAL A 341 -37.31 19.60 20.34
C VAL A 341 -36.82 18.22 20.76
N ALA A 342 -36.03 18.15 21.84
CA ALA A 342 -35.62 16.83 22.33
C ALA A 342 -36.83 16.01 22.74
N GLU A 343 -37.84 16.65 23.32
CA GLU A 343 -39.03 15.92 23.73
C GLU A 343 -39.74 15.34 22.50
N GLN A 344 -39.78 16.09 21.41
CA GLN A 344 -40.32 15.55 20.17
C GLN A 344 -39.48 14.39 19.66
N MET A 345 -38.18 14.38 19.91
CA MET A 345 -37.41 13.20 19.51
C MET A 345 -37.83 12.01 20.33
N ILE A 346 -38.01 12.18 21.64
CA ILE A 346 -38.48 11.09 22.47
C ILE A 346 -39.89 10.66 22.05
N ALA A 347 -40.70 11.57 21.50
CA ALA A 347 -41.99 11.13 20.98
C ALA A 347 -41.87 10.45 19.61
N ASN A 348 -40.66 10.22 19.12
CA ASN A 348 -40.44 9.64 17.81
C ASN A 348 -39.98 8.18 17.86
N ARG A 349 -40.22 7.50 18.99
CA ARG A 349 -39.83 6.09 19.11
C ARG A 349 -40.75 5.17 18.30
N ASN A 350 -40.22 4.03 17.87
CA ASN A 350 -40.97 3.02 17.16
C ASN A 350 -41.43 1.93 18.16
N GLU A 351 -42.03 0.86 17.63
CA GLU A 351 -42.65 -0.20 18.43
C GLU A 351 -41.67 -0.90 19.32
N GLU A 352 -40.40 -0.90 18.95
CA GLU A 352 -39.38 -1.48 19.82
C GLU A 352 -38.80 -0.41 20.77
N GLY A 353 -39.32 0.81 20.76
CA GLY A 353 -38.81 1.81 21.68
C GLY A 353 -37.61 2.63 21.19
N ILE A 354 -37.15 2.42 19.93
CA ILE A 354 -35.96 3.07 19.39
C ILE A 354 -36.33 4.38 18.73
N ILE A 355 -35.58 5.43 19.05
CA ILE A 355 -35.82 6.74 18.44
C ILE A 355 -35.49 6.67 16.95
N GLN A 356 -36.35 7.21 16.13
CA GLN A 356 -36.29 7.02 14.69
C GLN A 356 -35.64 8.22 14.01
N VAL A 357 -35.43 8.09 12.70
CA VAL A 357 -34.61 9.06 11.95
C VAL A 357 -35.39 10.31 11.51
N TYR A 358 -36.67 10.18 11.17
CA TYR A 358 -37.42 11.30 10.60
C TYR A 358 -38.49 11.81 11.56
N PHE A 359 -38.74 13.12 11.50
CA PHE A 359 -39.95 13.73 12.09
C PHE A 359 -41.11 13.50 11.13
N ASP A 360 -41.48 12.25 10.97
CA ASP A 360 -42.56 11.95 10.06
C ASP A 360 -43.03 10.51 10.27
N ASP A 361 -44.25 10.35 10.80
CA ASP A 361 -44.72 9.02 11.18
C ASP A 361 -44.86 8.09 9.99
N ASN A 362 -44.86 8.60 8.76
CA ASN A 362 -44.99 7.74 7.59
C ASN A 362 -43.67 7.38 6.95
N ARG A 363 -42.55 7.78 7.56
CA ARG A 363 -41.24 7.40 7.08
C ARG A 363 -40.44 6.83 8.23
N PRO A 364 -40.89 5.70 8.80
CA PRO A 364 -40.16 5.10 9.93
C PRO A 364 -38.83 4.48 9.51
N ARG A 365 -37.76 4.88 10.18
CA ARG A 365 -36.43 4.31 9.95
C ARG A 365 -35.65 4.37 11.25
N ILE A 366 -34.66 3.50 11.40
CA ILE A 366 -33.71 3.68 12.49
C ILE A 366 -32.32 3.64 11.87
N ASP A 367 -31.37 4.27 12.56
CA ASP A 367 -29.97 4.29 12.14
C ASP A 367 -29.12 4.48 13.38
N ALA A 368 -28.13 3.59 13.56
CA ALA A 368 -27.38 3.55 14.82
C ALA A 368 -26.50 4.79 15.01
N ILE A 369 -26.04 5.41 13.92
CA ILE A 369 -25.31 6.66 14.12
C ILE A 369 -26.28 7.79 14.44
N VAL A 370 -27.46 7.80 13.83
CA VAL A 370 -28.44 8.82 14.18
C VAL A 370 -28.87 8.67 15.64
N ALA A 371 -29.03 7.41 16.09
CA ALA A 371 -29.27 7.14 17.51
C ALA A 371 -28.14 7.71 18.38
N ILE A 372 -26.88 7.51 17.97
CA ILE A 372 -25.76 8.03 18.74
C ILE A 372 -25.84 9.54 18.88
N ASN A 373 -26.05 10.24 17.78
CA ASN A 373 -25.98 11.69 17.87
C ASN A 373 -27.19 12.28 18.59
N VAL A 374 -28.36 11.63 18.48
CA VAL A 374 -29.49 11.97 19.32
C VAL A 374 -29.12 11.77 20.80
N LEU A 375 -28.57 10.60 21.13
CA LEU A 375 -28.15 10.35 22.51
C LEU A 375 -27.16 11.41 22.98
N TYR A 376 -26.22 11.81 22.12
CA TYR A 376 -25.27 12.83 22.52
C TYR A 376 -25.99 14.11 22.94
N LEU A 377 -26.90 14.59 22.11
CA LEU A 377 -27.67 15.77 22.48
C LEU A 377 -28.41 15.54 23.80
N MET A 378 -29.09 14.39 23.93
CA MET A 378 -29.82 14.09 25.17
C MET A 378 -28.93 14.27 26.39
N HIS A 379 -27.76 13.65 26.38
CA HIS A 379 -26.91 13.80 27.54
C HIS A 379 -26.43 15.24 27.69
N GLN A 380 -26.33 15.98 26.60
CA GLN A 380 -25.76 17.34 26.66
C GLN A 380 -26.72 18.29 27.34
N ILE A 381 -28.03 18.07 27.17
CA ILE A 381 -29.01 19.01 27.70
C ILE A 381 -29.52 18.60 29.09
N GLY A 382 -29.08 17.46 29.64
CA GLY A 382 -29.60 16.96 30.91
C GLY A 382 -30.68 15.90 30.83
N TYR A 383 -31.02 15.41 29.63
CA TYR A 383 -31.97 14.32 29.45
C TYR A 383 -31.31 12.94 29.66
N GLY A 384 -30.06 12.94 30.07
CA GLY A 384 -29.28 11.70 30.10
C GLY A 384 -29.91 10.53 30.85
N GLU A 385 -30.75 10.79 31.84
CA GLU A 385 -31.33 9.69 32.60
C GLU A 385 -32.79 9.47 32.28
N ARG A 386 -33.33 10.15 31.27
CA ARG A 386 -34.70 9.86 30.89
C ARG A 386 -34.82 8.38 30.52
N LYS A 387 -35.77 7.70 31.14
CA LYS A 387 -35.94 6.26 30.94
C LYS A 387 -36.38 5.93 29.53
N GLU A 388 -36.98 6.89 28.82
CA GLU A 388 -37.37 6.67 27.43
C GLU A 388 -36.17 6.44 26.50
N LEU A 389 -34.93 6.72 26.95
CA LEU A 389 -33.73 6.52 26.14
C LEU A 389 -33.21 5.08 26.17
N LYS A 390 -33.78 4.20 26.99
CA LYS A 390 -33.08 2.94 27.30
C LYS A 390 -32.97 2.05 26.08
N GLU A 391 -34.08 1.87 25.34
CA GLU A 391 -34.07 0.98 24.16
C GLU A 391 -33.15 1.52 23.05
N THR A 392 -33.03 2.86 22.90
CA THR A 392 -32.15 3.45 21.90
C THR A 392 -30.69 3.19 22.26
N GLU A 393 -30.36 3.32 23.53
CA GLU A 393 -28.99 3.05 23.93
C GLU A 393 -28.66 1.57 23.75
N ALA A 394 -29.61 0.67 24.08
CA ALA A 394 -29.33 -0.76 23.97
C ALA A 394 -29.11 -1.15 22.51
N PHE A 395 -29.90 -0.56 21.63
CA PHE A 395 -29.73 -0.71 20.19
C PHE A 395 -28.30 -0.37 19.77
N VAL A 396 -27.79 0.79 20.20
CA VAL A 396 -26.41 1.16 19.89
C VAL A 396 -25.44 0.17 20.49
N PHE A 397 -25.66 -0.22 21.74
CA PHE A 397 -24.74 -1.13 22.40
C PHE A 397 -24.67 -2.47 21.68
N ASP A 398 -25.83 -3.04 21.34
CA ASP A 398 -25.83 -4.33 20.66
C ASP A 398 -25.24 -4.21 19.26
N PHE A 399 -25.46 -3.08 18.60
CA PHE A 399 -24.85 -2.87 17.28
C PHE A 399 -23.34 -2.99 17.36
N LEU A 400 -22.73 -2.46 18.43
CA LEU A 400 -21.29 -2.60 18.62
C LEU A 400 -20.93 -4.04 19.01
N ILE A 401 -21.52 -4.55 20.08
CA ILE A 401 -21.10 -5.86 20.65
C ILE A 401 -21.32 -6.98 19.63
N SER A 402 -22.45 -6.97 18.94
CA SER A 402 -22.70 -8.01 17.96
C SER A 402 -21.78 -7.93 16.73
N LYS A 403 -20.98 -6.87 16.61
CA LYS A 403 -20.19 -6.57 15.41
C LYS A 403 -21.07 -6.28 14.22
N GLU A 404 -22.37 -6.15 14.41
CA GLU A 404 -23.19 -5.70 13.30
C GLU A 404 -22.66 -4.41 12.65
N TYR A 405 -21.94 -3.57 13.40
CA TYR A 405 -21.51 -2.31 12.76
C TYR A 405 -20.57 -2.55 11.58
N LEU A 406 -19.98 -3.75 11.48
CA LEU A 406 -19.14 -4.10 10.33
C LEU A 406 -19.91 -4.07 8.99
N LYS A 407 -21.23 -4.12 9.02
CA LYS A 407 -22.07 -3.97 7.83
C LYS A 407 -22.49 -2.53 7.56
N GLY A 408 -21.97 -1.56 8.31
CA GLY A 408 -22.41 -0.18 8.20
C GLY A 408 -23.82 0.03 8.76
N THR A 409 -24.26 1.28 8.72
CA THR A 409 -25.63 1.64 9.09
C THR A 409 -26.41 1.92 7.80
N ARG A 410 -27.67 2.27 7.97
CA ARG A 410 -28.51 2.55 6.81
C ARG A 410 -27.93 3.67 5.95
N TYR A 411 -27.44 4.75 6.58
CA TYR A 411 -26.99 5.93 5.85
C TYR A 411 -25.49 6.11 5.86
N TYR A 412 -24.77 5.37 6.69
CA TYR A 412 -23.32 5.43 6.68
C TYR A 412 -22.72 4.05 6.49
N PRO A 413 -22.31 3.69 5.27
CA PRO A 413 -21.75 2.34 5.03
C PRO A 413 -20.40 2.08 5.71
N ALA A 414 -19.59 3.09 6.06
CA ALA A 414 -18.25 2.72 6.54
C ALA A 414 -18.26 2.39 8.05
N PRO A 415 -17.75 1.21 8.44
CA PRO A 415 -17.78 0.86 9.88
C PRO A 415 -17.08 1.86 10.79
N ASP A 416 -15.98 2.46 10.36
CA ASP A 416 -15.28 3.37 11.25
C ASP A 416 -16.10 4.64 11.58
N VAL A 417 -17.09 4.99 10.77
CA VAL A 417 -17.88 6.19 11.07
C VAL A 417 -18.71 5.95 12.34
N PHE A 418 -19.25 4.73 12.44
CA PHE A 418 -20.02 4.37 13.63
C PHE A 418 -19.12 4.42 14.86
N LEU A 419 -17.94 3.78 14.78
CA LEU A 419 -17.04 3.79 15.91
C LEU A 419 -16.62 5.20 16.26
N PHE A 420 -16.52 6.06 15.25
CA PHE A 420 -16.00 7.39 15.50
C PHE A 420 -17.01 8.20 16.28
N PHE A 421 -18.24 8.29 15.76
CA PHE A 421 -19.28 9.05 16.44
C PHE A 421 -19.60 8.42 17.80
N LEU A 422 -19.51 7.08 17.91
CA LEU A 422 -19.66 6.47 19.23
C LEU A 422 -18.60 6.95 20.20
N SER A 423 -17.35 7.08 19.75
CA SER A 423 -16.32 7.51 20.70
C SER A 423 -16.56 8.93 21.22
N ARG A 424 -17.21 9.79 20.43
CA ARG A 424 -17.57 11.13 20.95
C ARG A 424 -18.50 11.01 22.15
N LEU A 425 -19.47 10.11 22.06
CA LEU A 425 -20.43 9.93 23.13
C LEU A 425 -19.75 9.27 24.32
N VAL A 426 -18.95 8.24 24.07
CA VAL A 426 -18.45 7.43 25.17
C VAL A 426 -17.41 8.20 25.96
N VAL A 427 -16.64 9.02 25.27
CA VAL A 427 -15.59 9.80 25.91
C VAL A 427 -16.15 11.10 26.53
N ASP A 428 -17.12 11.76 25.89
CA ASP A 428 -17.60 13.02 26.45
C ASP A 428 -18.53 12.82 27.65
N PHE A 429 -19.16 11.64 27.78
CA PHE A 429 -20.05 11.34 28.91
C PHE A 429 -19.61 10.03 29.55
N PRO A 430 -18.40 10.00 30.11
CA PRO A 430 -17.81 8.69 30.48
C PRO A 430 -18.55 8.01 31.61
N ASP A 431 -19.15 8.77 32.55
CA ASP A 431 -19.85 8.13 33.67
C ASP A 431 -21.06 7.37 33.17
N GLN A 432 -21.75 7.91 32.18
CA GLN A 432 -22.94 7.26 31.65
C GLN A 432 -22.64 6.16 30.62
N PHE A 433 -21.38 5.94 30.18
CA PHE A 433 -21.12 4.98 29.11
C PHE A 433 -19.99 4.01 29.43
N GLU A 434 -19.64 3.82 30.70
CA GLU A 434 -18.48 3.00 31.02
C GLU A 434 -18.52 1.63 30.33
N LYS A 435 -19.67 0.98 30.25
CA LYS A 435 -19.62 -0.35 29.67
C LYS A 435 -19.28 -0.32 28.15
N PHE A 436 -19.36 0.84 27.52
CA PHE A 436 -19.00 0.91 26.11
C PHE A 436 -17.48 1.03 25.95
N HIS A 437 -16.79 1.57 26.96
CA HIS A 437 -15.41 2.01 26.75
C HIS A 437 -14.53 0.90 26.21
N LYS A 438 -14.45 -0.25 26.91
CA LYS A 438 -13.49 -1.28 26.48
C LYS A 438 -13.87 -1.98 25.17
N PRO A 439 -15.11 -2.41 24.99
CA PRO A 439 -15.45 -3.02 23.69
C PRO A 439 -15.21 -2.06 22.52
N LEU A 440 -15.49 -0.77 22.70
CA LEU A 440 -15.27 0.20 21.63
C LEU A 440 -13.78 0.32 21.32
N THR A 441 -12.96 0.51 22.36
CA THR A 441 -11.52 0.63 22.16
C THR A 441 -10.95 -0.65 21.55
N GLU A 442 -11.46 -1.82 21.97
CA GLU A 442 -10.97 -3.08 21.40
C GLU A 442 -11.26 -3.20 19.90
N MET A 443 -12.49 -2.88 19.46
CA MET A 443 -12.81 -2.89 18.05
C MET A 443 -11.87 -1.99 17.26
N LEU A 444 -11.70 -0.75 17.73
CA LEU A 444 -10.83 0.19 17.04
C LEU A 444 -9.41 -0.35 16.92
N ILE A 445 -8.88 -0.97 17.99
CA ILE A 445 -7.54 -1.53 17.89
C ILE A 445 -7.47 -2.53 16.74
N THR A 446 -8.47 -3.40 16.61
CA THR A 446 -8.39 -4.46 15.62
C THR A 446 -8.49 -3.90 14.21
N ARG A 447 -8.98 -2.67 14.06
CA ARG A 447 -9.17 -2.04 12.74
C ARG A 447 -8.04 -1.09 12.33
N VAL A 448 -6.98 -0.99 13.13
CA VAL A 448 -5.85 -0.12 12.77
C VAL A 448 -5.32 -0.51 11.39
N ASN A 449 -5.19 0.49 10.51
CA ASN A 449 -4.64 0.27 9.18
C ASN A 449 -5.45 -0.75 8.38
N CYS A 450 -6.78 -0.83 8.55
CA CYS A 450 -7.48 -1.90 7.84
C CYS A 450 -8.12 -1.42 6.54
N SER A 451 -8.09 -0.13 6.24
CA SER A 451 -8.57 0.35 4.96
C SER A 451 -7.71 1.53 4.57
N THR A 452 -7.78 1.92 3.29
CA THR A 452 -6.85 2.94 2.78
C THR A 452 -7.46 4.32 2.65
N PHE A 453 -8.78 4.45 2.77
CA PHE A 453 -9.43 5.76 2.58
C PHE A 453 -8.93 6.76 3.62
N PRO A 454 -8.45 7.92 3.19
CA PRO A 454 -7.91 8.87 4.19
C PRO A 454 -8.91 9.24 5.28
N LEU A 455 -10.16 9.54 4.91
CA LEU A 455 -11.17 9.88 5.92
C LEU A 455 -11.31 8.76 6.96
N GLU A 456 -11.39 7.51 6.50
CA GLU A 456 -11.45 6.39 7.44
C GLU A 456 -10.21 6.32 8.31
N ARG A 457 -9.04 6.51 7.71
CA ARG A 457 -7.82 6.51 8.50
C ARG A 457 -7.95 7.56 9.59
N ALA A 458 -8.42 8.74 9.20
CA ALA A 458 -8.42 9.86 10.12
C ALA A 458 -9.40 9.61 11.27
N LEU A 459 -10.57 9.02 10.99
CA LEU A 459 -11.52 8.63 12.05
C LEU A 459 -10.87 7.72 13.08
N ARG A 460 -10.14 6.70 12.63
CA ARG A 460 -9.50 5.80 13.57
C ARG A 460 -8.46 6.51 14.40
N ILE A 461 -7.74 7.45 13.80
CA ILE A 461 -6.67 8.13 14.54
C ILE A 461 -7.29 8.91 15.69
N ILE A 462 -8.39 9.63 15.40
CA ILE A 462 -8.99 10.55 16.35
C ILE A 462 -9.68 9.78 17.48
N ALA A 463 -10.52 8.81 17.11
CA ALA A 463 -11.20 7.98 18.12
C ALA A 463 -10.17 7.29 19.02
N LEU A 464 -9.17 6.59 18.45
CA LEU A 464 -8.19 5.94 19.33
C LEU A 464 -7.45 6.92 20.23
N LYS A 465 -7.06 8.06 19.68
CA LYS A 465 -6.34 9.01 20.54
C LYS A 465 -7.23 9.55 21.69
N LYS A 466 -8.50 9.84 21.43
CA LYS A 466 -9.39 10.25 22.51
C LYS A 466 -9.55 9.17 23.60
N LEU A 467 -9.27 7.90 23.27
CA LEU A 467 -9.31 6.78 24.20
C LEU A 467 -7.94 6.39 24.73
N GLY A 468 -6.93 7.24 24.58
CA GLY A 468 -5.63 6.97 25.17
C GLY A 468 -4.59 6.23 24.34
N ILE A 469 -4.80 6.00 23.05
CA ILE A 469 -3.95 5.11 22.25
C ILE A 469 -3.48 5.84 20.99
N VAL A 470 -2.16 5.91 20.80
CA VAL A 470 -1.54 6.63 19.68
C VAL A 470 -1.41 5.73 18.44
N ASN A 471 -2.15 6.08 17.37
CA ASN A 471 -2.21 5.30 16.12
C ASN A 471 -1.32 6.00 15.08
N ARG A 472 -0.01 5.82 15.18
CA ARG A 472 0.91 6.49 14.26
C ARG A 472 0.89 5.87 12.87
N VAL A 473 0.56 4.59 12.75
CA VAL A 473 0.59 3.93 11.46
C VAL A 473 -0.42 4.57 10.50
N ASP A 474 -1.69 4.63 10.91
CA ASP A 474 -2.71 5.24 10.05
C ASP A 474 -2.36 6.69 9.73
N PHE A 475 -1.73 7.38 10.68
CA PHE A 475 -1.27 8.75 10.51
C PHE A 475 -0.26 8.90 9.35
N LEU A 476 0.80 8.09 9.35
CA LEU A 476 1.77 8.08 8.25
C LEU A 476 1.08 7.87 6.91
N LYS A 477 0.27 6.81 6.79
CA LYS A 477 -0.36 6.54 5.51
C LYS A 477 -1.33 7.64 5.13
N LEU A 478 -1.88 8.35 6.12
CA LEU A 478 -2.75 9.46 5.80
C LEU A 478 -1.97 10.56 5.05
N LEU A 479 -0.72 10.82 5.48
CA LEU A 479 0.13 11.79 4.80
C LEU A 479 0.35 11.44 3.34
N ASP A 480 0.52 10.15 3.04
CA ASP A 480 0.84 9.73 1.68
C ASP A 480 -0.25 10.05 0.67
N THR A 481 -1.48 10.32 1.12
CA THR A 481 -2.58 10.47 0.16
C THR A 481 -3.05 11.92 0.00
N GLN A 482 -2.42 12.90 0.66
CA GLN A 482 -2.68 14.30 0.32
C GLN A 482 -2.30 14.57 -1.15
N LEU A 483 -3.19 15.19 -1.91
CA LEU A 483 -2.80 15.59 -3.25
C LEU A 483 -1.97 16.89 -3.21
N ALA A 484 -1.36 17.20 -4.37
CA ALA A 484 -0.36 18.26 -4.47
C ALA A 484 -0.90 19.65 -4.16
N ASP A 485 -2.21 19.89 -4.37
CA ASP A 485 -2.80 21.17 -3.94
C ASP A 485 -3.11 21.19 -2.45
N GLY A 486 -2.77 20.15 -1.70
CA GLY A 486 -2.95 20.19 -0.27
C GLY A 486 -4.25 19.60 0.24
N GLY A 487 -5.24 19.39 -0.64
CA GLY A 487 -6.48 18.74 -0.25
C GLY A 487 -6.43 17.23 -0.39
N TRP A 488 -7.28 16.54 0.41
CA TRP A 488 -7.37 15.10 0.26
C TRP A 488 -8.45 14.76 -0.76
N PRO A 489 -8.48 13.53 -1.25
CA PRO A 489 -9.48 13.17 -2.27
C PRO A 489 -10.89 13.19 -1.69
N VAL A 490 -11.86 13.37 -2.58
CA VAL A 490 -13.25 13.34 -2.18
C VAL A 490 -13.61 11.93 -1.62
N TYR A 491 -14.66 11.88 -0.79
CA TYR A 491 -15.06 10.64 -0.10
C TYR A 491 -16.54 10.68 0.25
N GLY A 492 -17.24 9.58 -0.01
CA GLY A 492 -18.68 9.52 0.20
C GLY A 492 -19.04 9.15 1.62
N LEU A 493 -19.31 10.15 2.45
CA LEU A 493 -19.45 9.90 3.88
C LEU A 493 -20.78 9.27 4.22
N PHE A 494 -21.86 9.57 3.45
CA PHE A 494 -23.20 9.09 3.72
C PHE A 494 -23.95 8.88 2.41
N ILE A 495 -25.07 8.15 2.47
CA ILE A 495 -25.79 7.72 1.27
C ILE A 495 -27.29 7.92 1.43
N ALA A 496 -27.96 8.15 0.29
CA ALA A 496 -29.40 7.92 0.20
C ALA A 496 -29.56 6.45 -0.15
N PRO A 497 -29.97 5.59 0.77
CA PRO A 497 -29.79 4.14 0.54
C PRO A 497 -30.66 3.59 -0.59
N ARG A 498 -31.85 4.13 -0.84
CA ARG A 498 -32.71 3.50 -1.83
C ARG A 498 -32.18 3.72 -3.25
N SER A 499 -31.54 4.86 -3.52
CA SER A 499 -30.94 5.05 -4.83
C SER A 499 -29.46 4.79 -4.83
N ASN A 500 -28.90 4.37 -3.70
CA ASN A 500 -27.47 4.12 -3.54
C ASN A 500 -26.61 5.32 -4.01
N THR A 501 -27.04 6.54 -3.68
CA THR A 501 -26.32 7.78 -3.94
C THR A 501 -25.40 8.18 -2.77
N TYR A 502 -24.10 8.26 -3.03
CA TYR A 502 -23.14 8.77 -2.05
C TYR A 502 -23.03 10.28 -2.17
N PHE A 503 -22.78 10.95 -1.03
CA PHE A 503 -22.52 12.38 -0.92
C PHE A 503 -21.16 12.53 -0.28
N GLY A 504 -20.38 13.52 -0.71
CA GLY A 504 -19.10 13.78 -0.05
C GLY A 504 -18.38 14.96 -0.67
N SER A 505 -17.19 15.24 -0.15
CA SER A 505 -16.45 16.39 -0.65
C SER A 505 -14.98 16.25 -0.29
N ARG A 506 -14.14 17.00 -1.03
CA ARG A 506 -12.74 17.12 -0.60
C ARG A 506 -12.65 17.84 0.74
N GLU A 507 -13.60 18.74 1.01
CA GLU A 507 -13.63 19.47 2.26
C GLU A 507 -13.77 18.53 3.46
N LEU A 508 -14.73 17.61 3.38
CA LEU A 508 -14.93 16.64 4.46
C LEU A 508 -13.66 15.82 4.70
N SER A 509 -13.09 15.23 3.64
CA SER A 509 -11.86 14.46 3.82
C SER A 509 -10.75 15.33 4.41
N THR A 510 -10.62 16.54 3.91
CA THR A 510 -9.50 17.35 4.36
C THR A 510 -9.68 17.79 5.79
N ALA A 511 -10.92 18.12 6.21
CA ALA A 511 -11.17 18.54 7.59
C ALA A 511 -10.82 17.43 8.58
N PHE A 512 -11.27 16.20 8.32
CA PHE A 512 -10.94 15.12 9.24
C PHE A 512 -9.44 14.80 9.20
N ALA A 513 -8.82 14.84 8.00
CA ALA A 513 -7.39 14.56 7.92
C ALA A 513 -6.62 15.54 8.79
N LEU A 514 -6.97 16.83 8.71
CA LEU A 514 -6.27 17.83 9.52
C LEU A 514 -6.53 17.63 11.01
N GLU A 515 -7.77 17.30 11.38
CA GLU A 515 -8.07 17.00 12.78
C GLU A 515 -7.17 15.88 13.27
N ALA A 516 -7.08 14.80 12.49
CA ALA A 516 -6.20 13.69 12.87
C ALA A 516 -4.75 14.15 13.00
N LEU A 517 -4.25 14.93 12.02
CA LEU A 517 -2.86 15.41 12.14
C LEU A 517 -2.69 16.26 13.37
N HIS A 518 -3.66 17.13 13.65
CA HIS A 518 -3.63 17.98 14.83
C HIS A 518 -3.62 17.17 16.12
N ILE A 519 -4.48 16.15 16.23
CA ILE A 519 -4.63 15.49 17.51
C ILE A 519 -3.41 14.65 17.86
N LEU A 520 -2.60 14.24 16.89
CA LEU A 520 -1.36 13.56 17.23
C LEU A 520 -0.18 14.49 17.33
N SER A 521 -0.37 15.79 17.13
CA SER A 521 0.78 16.69 17.06
C SER A 521 1.32 16.89 18.46
N THR B 5 25.72 30.73 -23.45
CA THR B 5 24.92 31.37 -24.50
C THR B 5 24.80 30.46 -25.74
N PRO B 6 23.56 30.11 -26.10
CA PRO B 6 23.32 29.08 -27.10
C PRO B 6 23.73 29.50 -28.50
N GLU B 7 24.01 28.49 -29.30
CA GLU B 7 24.45 28.63 -30.68
C GLU B 7 23.25 28.30 -31.58
N LEU B 8 22.77 29.28 -32.34
CA LEU B 8 21.54 29.10 -33.10
C LEU B 8 21.82 28.33 -34.38
N ILE B 9 21.02 27.29 -34.63
CA ILE B 9 21.29 26.31 -35.67
C ILE B 9 20.07 26.24 -36.57
N THR B 10 20.29 26.38 -37.88
CA THR B 10 19.20 26.29 -38.84
C THR B 10 19.56 25.44 -40.03
N SER B 11 20.76 24.88 -40.07
CA SER B 11 21.20 24.00 -41.12
C SER B 11 21.04 22.56 -40.67
N LEU B 12 20.23 21.80 -41.41
CA LEU B 12 20.16 20.36 -41.24
C LEU B 12 21.55 19.74 -41.31
N GLN B 13 22.39 20.21 -42.23
CA GLN B 13 23.69 19.58 -42.32
C GLN B 13 24.47 19.79 -41.04
N GLU B 14 24.35 20.97 -40.43
CA GLU B 14 25.04 21.26 -39.19
C GLU B 14 24.51 20.36 -38.07
N LEU B 15 23.19 20.46 -37.81
CA LEU B 15 22.51 19.58 -36.88
C LEU B 15 23.04 18.15 -36.98
N SER B 16 23.15 17.62 -38.20
CA SER B 16 23.66 16.26 -38.39
C SER B 16 25.11 16.11 -37.90
N GLN B 17 25.90 17.19 -37.96
CA GLN B 17 27.26 17.08 -37.48
C GLN B 17 27.36 17.28 -35.97
N ILE B 18 26.55 18.17 -35.40
CA ILE B 18 26.42 18.23 -33.95
C ILE B 18 25.99 16.87 -33.39
N LEU B 19 24.93 16.29 -33.93
CA LEU B 19 24.42 15.04 -33.36
C LEU B 19 25.35 13.89 -33.59
N ASP B 20 26.09 13.88 -34.70
CA ASP B 20 27.03 12.79 -34.92
C ASP B 20 28.14 12.79 -33.88
N ARG B 21 28.33 13.92 -33.18
CA ARG B 21 29.42 13.99 -32.22
C ARG B 21 29.09 13.32 -30.89
N TYR B 22 27.86 12.84 -30.67
CA TYR B 22 27.45 12.30 -29.38
C TYR B 22 27.13 10.81 -29.48
N ASP B 23 27.47 10.07 -28.42
CA ASP B 23 27.17 8.65 -28.37
C ASP B 23 25.75 8.40 -27.93
N THR B 24 25.22 9.28 -27.08
CA THR B 24 23.97 9.07 -26.38
C THR B 24 23.07 10.25 -26.60
N ILE B 25 21.84 9.98 -27.00
CA ILE B 25 20.88 11.04 -27.29
C ILE B 25 19.62 10.80 -26.45
N VAL B 26 19.15 11.86 -25.80
CA VAL B 26 17.94 11.80 -24.99
C VAL B 26 16.88 12.67 -25.68
N PHE B 27 15.72 12.08 -25.98
CA PHE B 27 14.56 12.79 -26.48
C PHE B 27 13.45 12.95 -25.42
N ASP B 28 12.78 14.06 -25.47
CA ASP B 28 11.48 14.27 -24.86
C ASP B 28 10.40 13.84 -25.87
N LEU B 29 9.16 13.70 -25.42
CA LEU B 29 8.10 13.44 -26.41
C LEU B 29 7.42 14.71 -26.92
N GLY B 30 7.24 15.71 -26.05
CA GLY B 30 6.39 16.84 -26.38
C GLY B 30 7.08 17.81 -27.32
N ASP B 31 6.32 18.28 -28.31
CA ASP B 31 6.79 19.07 -29.45
C ASP B 31 7.90 18.37 -30.22
N VAL B 32 8.85 17.73 -29.50
CA VAL B 32 9.96 17.10 -30.19
C VAL B 32 9.44 15.98 -31.10
N LEU B 33 8.65 15.06 -30.57
CA LEU B 33 8.23 13.93 -31.38
C LEU B 33 6.74 13.93 -31.69
N LEU B 34 5.93 14.52 -30.82
CA LEU B 34 4.49 14.60 -31.00
C LEU B 34 4.10 16.05 -30.83
N HIS B 35 3.24 16.55 -31.71
CA HIS B 35 2.63 17.86 -31.56
C HIS B 35 1.16 17.73 -31.88
N TRP B 36 0.39 18.76 -31.56
CA TRP B 36 -1.06 18.63 -31.68
C TRP B 36 -1.62 19.82 -32.43
N ASP B 37 -2.93 19.71 -32.71
CA ASP B 37 -3.74 20.75 -33.33
C ASP B 37 -4.92 21.10 -32.42
N SER B 38 -4.65 21.39 -31.16
CA SER B 38 -5.68 21.75 -30.19
C SER B 38 -6.73 20.64 -30.07
N PHE B 41 -13.99 22.86 -32.62
CA PHE B 41 -14.39 21.96 -31.55
C PHE B 41 -14.54 22.76 -30.25
N THR B 42 -15.75 23.23 -29.97
CA THR B 42 -16.06 24.15 -28.87
C THR B 42 -17.01 23.48 -27.88
N SER B 43 -17.53 24.27 -26.95
CA SER B 43 -18.58 23.78 -26.06
C SER B 43 -19.24 24.90 -25.26
N GLU B 44 -20.58 24.93 -25.29
CA GLU B 44 -21.36 25.89 -24.52
C GLU B 44 -21.68 25.41 -23.11
N THR B 45 -21.41 24.14 -22.81
CA THR B 45 -21.51 23.64 -21.45
C THR B 45 -20.62 24.48 -20.53
N LYS B 46 -20.89 24.37 -19.22
CA LYS B 46 -20.20 25.21 -18.24
C LYS B 46 -18.83 24.63 -17.92
N GLY B 47 -17.91 25.51 -17.49
CA GLY B 47 -16.55 25.11 -17.16
C GLY B 47 -15.51 25.55 -18.19
N ILE B 48 -14.28 25.04 -18.00
CA ILE B 48 -13.13 25.50 -18.80
C ILE B 48 -13.22 24.92 -20.22
N ASP B 49 -12.59 25.65 -21.16
CA ASP B 49 -12.56 25.38 -22.61
C ASP B 49 -11.25 24.76 -23.07
N ASP B 50 -10.11 25.19 -22.51
CA ASP B 50 -8.83 24.64 -22.87
C ASP B 50 -8.28 23.76 -21.74
N VAL B 51 -7.66 22.66 -22.17
CA VAL B 51 -7.01 21.68 -21.34
C VAL B 51 -5.80 22.24 -20.62
N ARG B 52 -5.37 23.44 -20.99
CA ARG B 52 -4.22 24.04 -20.36
C ARG B 52 -4.41 24.17 -18.85
N LYS B 53 -5.64 24.44 -18.40
CA LYS B 53 -5.84 24.60 -16.97
C LYS B 53 -5.71 23.28 -16.21
N MET B 54 -6.09 22.14 -16.80
CA MET B 54 -5.86 20.85 -16.13
C MET B 54 -4.37 20.55 -15.96
N VAL B 55 -3.60 20.69 -17.05
CA VAL B 55 -2.20 20.28 -17.09
C VAL B 55 -1.31 21.20 -16.23
N LYS B 56 -1.73 22.45 -15.98
CA LYS B 56 -0.99 23.31 -15.07
C LYS B 56 -1.47 23.21 -13.61
N HIS B 57 -2.55 22.49 -13.34
CA HIS B 57 -3.00 22.38 -11.95
C HIS B 57 -2.05 21.45 -11.16
N PRO B 58 -1.71 21.80 -9.92
CA PRO B 58 -0.88 20.88 -9.09
C PRO B 58 -1.35 19.44 -9.05
N VAL B 59 -2.66 19.17 -9.07
CA VAL B 59 -3.09 17.78 -9.10
C VAL B 59 -2.56 17.07 -10.33
N TRP B 60 -2.31 17.80 -11.43
CA TRP B 60 -1.79 17.13 -12.62
C TRP B 60 -0.46 16.47 -12.33
N GLN B 61 0.36 17.08 -11.47
CA GLN B 61 1.62 16.46 -11.06
C GLN B 61 1.42 15.10 -10.36
N ASP B 62 0.40 14.95 -9.51
CA ASP B 62 0.16 13.63 -8.94
C ASP B 62 -0.10 12.63 -10.05
N LEU B 63 -0.88 13.05 -11.04
CA LEU B 63 -1.22 12.16 -12.13
C LEU B 63 0.03 11.81 -12.94
N GLU B 64 0.91 12.79 -13.14
CA GLU B 64 2.09 12.48 -13.97
C GLU B 64 3.03 11.55 -13.25
N LYS B 65 3.06 11.64 -11.92
CA LYS B 65 3.95 10.82 -11.12
C LYS B 65 3.39 9.43 -10.90
N GLY B 66 2.24 9.08 -11.46
CA GLY B 66 1.64 7.78 -11.24
C GLY B 66 1.03 7.57 -9.86
N LEU B 67 0.91 8.61 -9.01
CA LEU B 67 0.26 8.46 -7.71
C LEU B 67 -1.25 8.29 -7.82
N ILE B 68 -1.90 8.86 -8.83
CA ILE B 68 -3.33 8.67 -9.09
C ILE B 68 -3.50 8.35 -10.56
N ASN B 69 -4.67 7.81 -10.93
CA ASN B 69 -5.00 7.58 -12.33
C ASN B 69 -5.90 8.70 -12.83
N GLN B 70 -6.38 8.59 -14.07
CA GLN B 70 -7.06 9.71 -14.71
C GLN B 70 -8.46 9.95 -14.13
N GLU B 71 -9.21 8.87 -13.94
CA GLU B 71 -10.48 8.93 -13.21
C GLU B 71 -10.34 9.75 -11.91
N PHE B 72 -9.33 9.43 -11.13
CA PHE B 72 -9.09 10.11 -9.86
C PHE B 72 -8.79 11.59 -10.08
N ALA B 73 -7.89 11.89 -11.00
CA ALA B 73 -7.46 13.26 -11.19
C ALA B 73 -8.58 14.08 -11.79
N LEU B 74 -9.34 13.50 -12.71
CA LEU B 74 -10.45 14.26 -13.26
C LEU B 74 -11.49 14.55 -12.18
N THR B 75 -11.66 13.64 -11.22
CA THR B 75 -12.62 13.89 -10.16
C THR B 75 -12.19 15.06 -9.31
N ALA B 76 -10.92 15.08 -8.88
CA ALA B 76 -10.46 16.25 -8.15
C ALA B 76 -10.49 17.50 -9.01
N LEU B 77 -10.04 17.41 -10.27
CA LEU B 77 -10.00 18.60 -11.10
C LEU B 77 -11.40 19.13 -11.36
N SER B 78 -12.40 18.23 -11.49
CA SER B 78 -13.76 18.72 -11.72
C SER B 78 -14.24 19.59 -10.58
N CYS B 79 -13.78 19.28 -9.37
CA CYS B 79 -14.09 20.12 -8.22
C CYS B 79 -13.30 21.43 -8.27
N GLU B 80 -11.98 21.37 -8.43
CA GLU B 80 -11.19 22.61 -8.34
C GLU B 80 -11.47 23.58 -9.51
N LEU B 81 -11.74 23.04 -10.69
CA LEU B 81 -12.05 23.83 -11.87
C LEU B 81 -13.54 24.02 -12.10
N GLU B 82 -14.40 23.49 -11.25
CA GLU B 82 -15.83 23.75 -11.35
C GLU B 82 -16.35 23.45 -12.74
N THR B 83 -15.90 22.34 -13.30
CA THR B 83 -16.31 21.88 -14.61
C THR B 83 -16.78 20.44 -14.46
N PRO B 84 -17.84 20.03 -15.12
CA PRO B 84 -18.27 18.63 -15.00
C PRO B 84 -17.15 17.72 -15.45
N CYS B 85 -16.92 16.65 -14.69
CA CYS B 85 -15.82 15.74 -15.00
C CYS B 85 -15.99 15.14 -16.38
N SER B 86 -17.23 14.90 -16.81
CA SER B 86 -17.42 14.35 -18.15
C SER B 86 -16.94 15.33 -19.22
N LYS B 87 -16.97 16.64 -18.95
CA LYS B 87 -16.47 17.60 -19.92
C LYS B 87 -14.94 17.62 -19.93
N LEU B 88 -14.33 17.65 -18.73
CA LEU B 88 -12.88 17.45 -18.63
C LEU B 88 -12.45 16.16 -19.34
N LYS B 89 -13.15 15.06 -19.11
CA LYS B 89 -12.75 13.80 -19.73
C LYS B 89 -12.82 13.90 -21.25
N GLU B 90 -13.91 14.43 -21.79
CA GLU B 90 -14.01 14.54 -23.25
C GLU B 90 -12.89 15.39 -23.81
N MET B 91 -12.57 16.52 -23.15
CA MET B 91 -11.50 17.37 -23.64
C MET B 91 -10.16 16.65 -23.57
N LEU B 92 -9.84 16.03 -22.44
CA LEU B 92 -8.61 15.27 -22.34
C LEU B 92 -8.48 14.28 -23.51
N GLU B 93 -9.52 13.48 -23.75
CA GLU B 93 -9.46 12.46 -24.78
C GLU B 93 -9.30 13.06 -26.19
N LEU B 94 -10.07 14.10 -26.50
CA LEU B 94 -9.91 14.74 -27.81
C LEU B 94 -8.50 15.32 -27.97
N SER B 95 -7.93 15.87 -26.89
CA SER B 95 -6.57 16.39 -27.00
C SER B 95 -5.61 15.27 -27.38
N ILE B 96 -5.65 14.19 -26.61
CA ILE B 96 -4.68 13.12 -26.77
C ILE B 96 -4.80 12.49 -28.16
N ALA B 97 -6.03 12.37 -28.67
CA ALA B 97 -6.25 11.77 -29.98
C ALA B 97 -5.98 12.73 -31.14
N SER B 98 -5.84 14.01 -30.88
CA SER B 98 -5.44 14.92 -31.93
C SER B 98 -3.93 15.07 -32.00
N LEU B 99 -3.17 14.31 -31.22
CA LEU B 99 -1.71 14.32 -31.32
C LEU B 99 -1.22 13.63 -32.60
N GLN B 100 -0.21 14.22 -33.23
CA GLN B 100 0.43 13.70 -34.44
C GLN B 100 1.95 13.69 -34.29
N VAL B 101 2.61 12.75 -35.01
CA VAL B 101 4.07 12.69 -34.98
C VAL B 101 4.67 13.91 -35.64
N ASN B 102 5.86 14.27 -35.16
CA ASN B 102 6.69 15.29 -35.78
C ASN B 102 7.56 14.60 -36.83
N PRO B 103 7.31 14.81 -38.13
CA PRO B 103 7.89 13.90 -39.13
C PRO B 103 9.39 14.07 -39.30
N LEU B 104 9.90 15.28 -39.09
CA LEU B 104 11.33 15.52 -39.11
C LEU B 104 12.04 14.82 -37.94
N MET B 105 11.55 15.03 -36.70
CA MET B 105 12.22 14.44 -35.54
C MET B 105 12.13 12.91 -35.57
N VAL B 106 11.00 12.36 -35.98
CA VAL B 106 10.91 10.91 -36.07
C VAL B 106 11.94 10.39 -37.05
N GLU B 107 12.20 11.12 -38.14
CA GLU B 107 13.24 10.67 -39.06
C GLU B 107 14.62 10.88 -38.48
N VAL B 108 14.84 12.01 -37.80
CA VAL B 108 16.12 12.17 -37.08
C VAL B 108 16.34 10.98 -36.17
N LEU B 109 15.28 10.52 -35.51
CA LEU B 109 15.41 9.44 -34.52
C LEU B 109 15.67 8.11 -35.23
N ARG B 110 14.97 7.86 -36.34
CA ARG B 110 15.21 6.65 -37.11
C ARG B 110 16.65 6.59 -37.61
N VAL B 111 17.19 7.72 -38.07
CA VAL B 111 18.56 7.73 -38.58
C VAL B 111 19.55 7.50 -37.44
N LEU B 112 19.39 8.21 -36.33
CA LEU B 112 20.27 7.99 -35.18
C LEU B 112 20.26 6.52 -34.73
N HIS B 113 19.09 5.90 -34.70
CA HIS B 113 19.01 4.49 -34.32
C HIS B 113 19.78 3.64 -35.32
N LYS B 114 19.57 3.88 -36.62
CA LYS B 114 20.25 3.07 -37.63
C LYS B 114 21.77 3.31 -37.62
N LYS B 115 22.23 4.48 -37.17
CA LYS B 115 23.64 4.79 -36.91
C LYS B 115 24.18 4.22 -35.58
N ASP B 116 23.42 3.43 -34.83
CA ASP B 116 23.92 2.78 -33.62
C ASP B 116 24.23 3.72 -32.46
N LYS B 117 23.45 4.79 -32.30
CA LYS B 117 23.56 5.57 -31.07
C LYS B 117 22.83 4.86 -29.91
N GLN B 118 23.12 5.29 -28.68
CA GLN B 118 22.28 4.98 -27.53
C GLN B 118 21.20 6.05 -27.44
N ILE B 119 19.93 5.65 -27.46
CA ILE B 119 18.84 6.62 -27.49
C ILE B 119 17.79 6.32 -26.42
N TYR B 120 17.46 7.33 -25.62
CA TYR B 120 16.52 7.25 -24.52
C TYR B 120 15.39 8.24 -24.69
N CYS B 121 14.25 7.86 -24.19
CA CYS B 121 13.10 8.74 -24.06
C CYS B 121 12.94 9.08 -22.59
N LEU B 122 12.88 10.38 -22.29
CA LEU B 122 12.72 10.89 -20.93
C LEU B 122 11.56 11.91 -20.93
N SER B 123 10.43 11.55 -20.32
CA SER B 123 9.22 12.32 -20.59
C SER B 123 8.23 12.29 -19.41
N ASN B 124 7.58 13.42 -19.15
CA ASN B 124 6.48 13.46 -18.19
C ASN B 124 5.21 13.05 -18.91
N VAL B 125 4.70 11.86 -18.61
CA VAL B 125 3.42 11.45 -19.17
C VAL B 125 2.76 10.52 -18.17
N ASP B 126 1.44 10.64 -18.02
CA ASP B 126 0.70 9.75 -17.12
C ASP B 126 0.56 8.38 -17.75
N LEU B 127 0.30 7.38 -16.90
CA LEU B 127 0.42 5.99 -17.31
C LEU B 127 -0.55 5.65 -18.45
N GLU B 128 -1.82 6.04 -18.30
CA GLU B 128 -2.82 5.66 -19.30
C GLU B 128 -2.60 6.37 -20.64
N SER B 129 -2.25 7.65 -20.62
CA SER B 129 -1.84 8.32 -21.85
C SER B 129 -0.68 7.60 -22.51
N PHE B 130 0.34 7.26 -21.73
CA PHE B 130 1.50 6.57 -22.27
C PHE B 130 1.09 5.23 -22.88
N SER B 131 0.19 4.54 -22.22
CA SER B 131 -0.27 3.27 -22.77
C SER B 131 -0.91 3.50 -24.13
N TYR B 132 -1.78 4.50 -24.24
CA TYR B 132 -2.39 4.85 -25.52
C TYR B 132 -1.35 5.27 -26.56
N LEU B 133 -0.44 6.17 -26.20
CA LEU B 133 0.55 6.64 -27.18
C LEU B 133 1.49 5.52 -27.61
N TYR B 134 1.81 4.61 -26.69
CA TYR B 134 2.62 3.45 -27.05
C TYR B 134 1.91 2.61 -28.10
N LYS B 135 0.60 2.46 -27.99
CA LYS B 135 -0.15 1.70 -28.98
C LYS B 135 -0.29 2.48 -30.29
N GLN B 136 -0.45 3.79 -30.21
CA GLN B 136 -0.82 4.62 -31.37
C GLN B 136 0.32 4.85 -32.35
N PHE B 137 1.56 4.90 -31.88
CA PHE B 137 2.66 5.37 -32.70
C PHE B 137 3.73 4.29 -32.80
N ASP B 138 4.64 4.45 -33.78
CA ASP B 138 5.57 3.36 -34.08
C ASP B 138 7.01 3.82 -34.10
N PHE B 139 7.34 4.86 -33.36
CA PHE B 139 8.73 5.23 -33.21
C PHE B 139 9.35 4.65 -31.93
N TRP B 140 8.57 3.96 -31.09
CA TRP B 140 9.11 3.51 -29.80
C TRP B 140 10.27 2.55 -30.03
N LYS B 141 10.26 1.85 -31.17
CA LYS B 141 11.29 0.85 -31.45
C LYS B 141 12.67 1.46 -31.68
N TYR B 142 12.77 2.77 -31.87
CA TYR B 142 14.09 3.38 -31.96
C TYR B 142 14.73 3.72 -30.63
N PHE B 143 14.01 3.59 -29.51
CA PHE B 143 14.58 3.87 -28.19
C PHE B 143 15.27 2.63 -27.62
N ASP B 144 16.39 2.84 -26.94
CA ASP B 144 17.05 1.79 -26.18
C ASP B 144 16.46 1.63 -24.79
N GLY B 145 15.94 2.70 -24.21
CA GLY B 145 15.27 2.73 -22.92
C GLY B 145 14.28 3.87 -22.85
N ILE B 146 13.09 3.57 -22.34
CA ILE B 146 11.99 4.52 -22.18
C ILE B 146 11.79 4.79 -20.69
N TYR B 147 11.93 6.08 -20.32
CA TYR B 147 11.90 6.60 -18.95
C TYR B 147 10.74 7.59 -18.86
N VAL B 148 9.61 7.10 -18.32
CA VAL B 148 8.32 7.79 -18.31
C VAL B 148 7.95 8.09 -16.85
N SER B 149 7.48 9.31 -16.59
CA SER B 149 7.33 9.75 -15.20
C SER B 149 6.35 8.88 -14.41
N ALA B 150 5.25 8.44 -15.05
CA ALA B 150 4.27 7.65 -14.31
C ALA B 150 4.80 6.28 -13.92
N LEU B 151 5.88 5.81 -14.54
CA LEU B 151 6.48 4.54 -14.19
C LEU B 151 7.67 4.75 -13.26
N LEU B 152 8.12 5.98 -13.15
CA LEU B 152 9.27 6.25 -12.32
C LEU B 152 8.88 6.83 -10.96
N GLN B 153 7.68 7.38 -10.82
CA GLN B 153 7.33 8.20 -9.66
C GLN B 153 8.27 9.37 -9.49
N LEU B 154 8.81 9.85 -10.60
CA LEU B 154 9.61 11.07 -10.66
C LEU B 154 9.14 11.89 -11.85
N ARG B 155 9.41 13.20 -11.81
CA ARG B 155 9.06 14.01 -12.97
C ARG B 155 10.09 15.09 -13.22
N LYS B 156 10.27 15.38 -14.52
CA LYS B 156 10.98 16.59 -14.90
C LYS B 156 10.24 17.79 -14.32
N PRO B 157 10.96 18.85 -13.92
CA PRO B 157 12.41 19.01 -14.00
C PRO B 157 13.21 18.73 -12.73
N ASN B 158 12.64 18.01 -11.77
CA ASN B 158 13.38 17.71 -10.55
CA ASN B 158 13.36 17.68 -10.54
C ASN B 158 14.66 16.95 -10.89
N PRO B 159 15.79 17.32 -10.29
CA PRO B 159 17.04 16.63 -10.64
C PRO B 159 17.05 15.14 -10.32
N ASP B 160 16.12 14.65 -9.49
CA ASP B 160 16.11 13.21 -9.18
C ASP B 160 15.93 12.36 -10.44
N ILE B 161 15.11 12.83 -11.38
CA ILE B 161 14.81 12.00 -12.53
C ILE B 161 16.00 11.92 -13.46
N PHE B 162 16.83 12.97 -13.53
CA PHE B 162 18.02 12.92 -14.39
C PHE B 162 19.10 12.03 -13.78
N GLN B 163 19.30 12.14 -12.47
CA GLN B 163 20.19 11.22 -11.78
C GLN B 163 19.72 9.79 -11.96
N TYR B 164 18.42 9.56 -11.82
CA TYR B 164 17.95 8.19 -11.98
C TYR B 164 18.30 7.67 -13.37
N LEU B 165 18.08 8.50 -14.40
CA LEU B 165 18.35 8.09 -15.79
C LEU B 165 19.82 7.82 -15.98
N ILE B 166 20.67 8.71 -15.46
CA ILE B 166 22.11 8.56 -15.68
C ILE B 166 22.62 7.29 -15.02
N SER B 167 22.19 7.06 -13.80
CA SER B 167 22.53 5.85 -13.05
C SER B 167 21.89 4.62 -13.66
N SER B 168 20.58 4.67 -13.96
CA SER B 168 19.91 3.50 -14.51
C SER B 168 20.53 3.05 -15.85
N ALA B 169 20.74 3.98 -16.80
CA ALA B 169 21.32 3.56 -18.08
C ALA B 169 22.84 3.65 -18.13
N SER B 170 23.54 3.98 -17.04
CA SER B 170 25.00 4.03 -17.08
C SER B 170 25.49 4.97 -18.18
N ILE B 171 24.95 6.18 -18.18
CA ILE B 171 25.19 7.17 -19.22
C ILE B 171 26.49 7.89 -18.88
N ASN B 172 27.36 8.04 -19.87
CA ASN B 172 28.51 8.93 -19.74
C ASN B 172 28.09 10.28 -20.26
N THR B 173 27.92 11.25 -19.34
CA THR B 173 27.35 12.54 -19.70
C THR B 173 28.21 13.31 -20.71
N LYS B 174 29.52 13.04 -20.75
CA LYS B 174 30.42 13.69 -21.70
C LYS B 174 29.88 13.62 -23.12
N SER B 175 29.46 12.43 -23.57
CA SER B 175 28.96 12.21 -24.92
C SER B 175 27.44 12.08 -24.98
N THR B 176 26.73 12.82 -24.15
CA THR B 176 25.27 12.80 -24.17
C THR B 176 24.70 14.19 -24.46
N ILE B 177 23.67 14.20 -25.30
CA ILE B 177 22.97 15.44 -25.63
C ILE B 177 21.48 15.22 -25.42
N PHE B 178 20.81 16.23 -24.90
CA PHE B 178 19.40 16.19 -24.55
C PHE B 178 18.63 17.12 -25.47
N ILE B 179 17.66 16.58 -26.20
CA ILE B 179 16.79 17.35 -27.09
C ILE B 179 15.45 17.56 -26.39
N ASP B 180 15.11 18.82 -26.13
CA ASP B 180 13.91 19.14 -25.38
C ASP B 180 13.50 20.55 -25.77
N ASP B 181 12.27 20.93 -25.46
CA ASP B 181 11.83 22.26 -25.82
C ASP B 181 11.51 23.14 -24.62
N LYS B 182 11.57 22.62 -23.40
CA LYS B 182 11.43 23.43 -22.19
C LYS B 182 12.83 23.80 -21.68
N SER B 183 13.03 25.09 -21.38
CA SER B 183 14.34 25.53 -20.91
C SER B 183 14.70 24.93 -19.55
N GLU B 184 13.74 24.87 -18.63
CA GLU B 184 14.07 24.36 -17.31
C GLU B 184 14.49 22.89 -17.35
N ASN B 185 13.88 22.07 -18.22
CA ASN B 185 14.37 20.69 -18.38
C ASN B 185 15.82 20.68 -18.87
N LEU B 186 16.11 21.48 -19.91
CA LEU B 186 17.48 21.53 -20.42
C LEU B 186 18.43 22.12 -19.38
N GLN B 187 17.98 23.15 -18.67
CA GLN B 187 18.82 23.75 -17.63
C GLN B 187 19.28 22.68 -16.64
N GLU B 188 18.33 21.89 -16.16
CA GLU B 188 18.63 20.82 -15.21
C GLU B 188 19.57 19.78 -15.82
N ALA B 189 19.29 19.35 -17.04
CA ALA B 189 20.17 18.40 -17.70
C ALA B 189 21.61 18.90 -17.76
N ALA B 190 21.79 20.19 -18.07
CA ALA B 190 23.13 20.77 -18.15
C ALA B 190 23.89 20.63 -16.82
N ASN B 191 23.22 20.91 -15.71
CA ASN B 191 23.83 20.74 -14.39
C ASN B 191 24.48 19.36 -14.23
N PHE B 192 23.97 18.33 -14.90
CA PHE B 192 24.62 17.02 -14.81
C PHE B 192 25.72 16.79 -15.85
N GLY B 193 26.18 17.82 -16.57
CA GLY B 193 27.17 17.62 -17.62
C GLY B 193 26.62 17.25 -18.99
N ILE B 194 25.32 17.39 -19.21
CA ILE B 194 24.68 16.96 -20.45
C ILE B 194 24.48 18.15 -21.37
N SER B 195 24.89 18.00 -22.63
CA SER B 195 24.72 19.06 -23.62
C SER B 195 23.26 19.18 -24.06
N THR B 196 22.84 20.40 -24.39
CA THR B 196 21.44 20.69 -24.65
C THR B 196 21.19 21.14 -26.09
N LEU B 197 20.05 20.73 -26.61
CA LEU B 197 19.58 21.12 -27.94
C LEU B 197 18.12 21.49 -27.74
N LYS B 198 17.85 22.79 -27.53
CA LYS B 198 16.49 23.28 -27.40
C LYS B 198 15.83 23.32 -28.77
N TYR B 199 14.71 22.61 -28.88
CA TYR B 199 13.93 22.56 -30.11
C TYR B 199 12.96 23.73 -30.13
N ASN B 200 13.13 24.62 -31.10
CA ASN B 200 12.11 25.60 -31.43
C ASN B 200 11.54 25.23 -32.79
N LYS B 201 10.50 25.93 -33.21
CA LYS B 201 9.89 25.56 -34.48
C LYS B 201 10.74 26.02 -35.66
N ASP B 202 11.55 27.06 -35.48
CA ASP B 202 12.37 27.58 -36.56
C ASP B 202 13.81 27.07 -36.54
N ASN B 203 14.28 26.56 -35.40
CA ASN B 203 15.70 26.31 -35.23
C ASN B 203 15.91 25.48 -33.97
N PHE B 204 17.18 25.13 -33.73
CA PHE B 204 17.64 24.55 -32.49
C PHE B 204 18.66 25.48 -31.84
N GLU B 205 18.55 25.65 -30.51
CA GLU B 205 19.62 26.27 -29.73
C GLU B 205 20.47 25.17 -29.12
N TYR B 206 21.77 25.20 -29.41
CA TYR B 206 22.71 24.16 -29.05
C TYR B 206 23.73 24.72 -28.09
N THR B 207 23.85 24.12 -26.90
CA THR B 207 24.91 24.42 -25.95
C THR B 207 25.75 23.16 -25.75
N ALA B 208 27.05 23.27 -26.05
CA ALA B 208 27.98 22.22 -25.67
C ALA B 208 28.40 22.41 -24.21
N ILE B 209 28.48 21.31 -23.49
CA ILE B 209 28.72 21.34 -22.05
C ILE B 209 29.66 20.19 -21.74
N GLU B 210 30.69 20.47 -20.94
CA GLU B 210 31.72 19.47 -20.65
C GLU B 210 31.24 18.57 -19.51
N GLY B 211 30.99 17.32 -19.82
CA GLY B 211 30.58 16.34 -18.83
C GLY B 211 31.74 15.49 -18.37
N GLY B 212 31.42 14.25 -17.94
CA GLY B 212 32.40 13.26 -17.54
C GLY B 212 32.78 13.28 -16.07
N TRP B 213 32.23 14.19 -15.28
CA TRP B 213 32.56 14.24 -13.85
C TRP B 213 31.56 13.41 -13.06
N PRO B 214 32.02 12.65 -12.07
CA PRO B 214 31.18 11.73 -11.27
C PRO B 214 30.07 12.41 -10.45
N ASN B 219 20.47 8.15 -5.11
CA ASN B 219 19.07 8.11 -4.72
C ASN B 219 18.92 7.30 -3.43
N MET B 220 18.34 6.10 -3.55
CA MET B 220 18.18 5.17 -2.44
C MET B 220 19.19 4.02 -2.47
N THR B 221 20.36 4.21 -3.07
CA THR B 221 21.30 3.10 -3.22
C THR B 221 21.76 2.49 -1.90
N PRO B 222 21.92 3.25 -0.80
CA PRO B 222 22.33 2.59 0.47
C PRO B 222 21.37 1.51 0.94
N GLU B 223 20.06 1.78 0.96
CA GLU B 223 19.11 0.80 1.47
C GLU B 223 18.92 -0.35 0.49
N ILE B 224 18.87 -0.04 -0.82
CA ILE B 224 18.75 -1.08 -1.82
C ILE B 224 19.86 -2.10 -1.67
N HIS B 225 21.05 -1.64 -1.33
CA HIS B 225 22.17 -2.58 -1.25
C HIS B 225 22.02 -3.51 -0.04
N LYS B 226 21.71 -2.93 1.13
CA LYS B 226 21.40 -3.74 2.30
C LYS B 226 20.34 -4.79 1.99
N LYS B 227 19.25 -4.40 1.32
CA LYS B 227 18.18 -5.34 1.09
C LYS B 227 18.59 -6.42 0.11
N ARG B 228 19.34 -6.04 -0.94
CA ARG B 228 19.82 -7.05 -1.88
C ARG B 228 20.76 -8.02 -1.19
N THR B 229 21.68 -7.50 -0.37
CA THR B 229 22.59 -8.37 0.39
C THR B 229 21.81 -9.32 1.32
N LEU B 230 20.86 -8.77 2.07
CA LEU B 230 20.04 -9.57 2.97
C LEU B 230 19.27 -10.65 2.20
N GLY B 231 18.68 -10.26 1.06
CA GLY B 231 17.98 -11.23 0.25
C GLY B 231 18.89 -12.33 -0.28
N GLU B 232 20.08 -11.96 -0.77
CA GLU B 232 20.99 -12.98 -1.31
C GLU B 232 21.43 -13.94 -0.22
N ASP B 233 21.72 -13.41 0.98
CA ASP B 233 22.13 -14.27 2.09
C ASP B 233 21.01 -15.22 2.47
N TYR B 234 19.77 -14.74 2.54
CA TYR B 234 18.66 -15.64 2.83
C TYR B 234 18.54 -16.70 1.75
N LEU B 235 18.53 -16.30 0.46
CA LEU B 235 18.33 -17.30 -0.58
C LEU B 235 19.48 -18.29 -0.63
N ASN B 236 20.73 -17.79 -0.49
CA ASN B 236 21.88 -18.69 -0.57
C ASN B 236 21.88 -19.71 0.56
N LEU B 237 21.53 -19.27 1.78
CA LEU B 237 21.41 -20.22 2.88
C LEU B 237 20.32 -21.24 2.60
N ARG B 238 19.12 -20.79 2.18
CA ARG B 238 18.07 -21.76 1.88
C ARG B 238 18.54 -22.78 0.85
N LEU B 239 19.14 -22.33 -0.26
CA LEU B 239 19.47 -23.30 -1.33
C LEU B 239 20.73 -24.12 -1.04
N ARG B 240 21.69 -23.60 -0.27
CA ARG B 240 22.78 -24.45 0.21
C ARG B 240 22.26 -25.54 1.15
N LYS B 241 21.23 -25.25 1.91
CA LYS B 241 20.69 -26.26 2.81
C LYS B 241 19.76 -27.21 2.08
N PHE B 242 18.96 -26.70 1.13
CA PHE B 242 18.03 -27.51 0.34
C PHE B 242 18.18 -27.21 -1.15
N PRO B 243 19.16 -27.82 -1.84
CA PRO B 243 19.31 -27.57 -3.29
C PRO B 243 18.19 -28.16 -4.13
N PHE B 244 17.47 -29.16 -3.62
CA PHE B 244 16.18 -29.57 -4.18
C PHE B 244 15.15 -28.56 -3.66
N CYS B 245 14.84 -27.56 -4.48
CA CYS B 245 14.05 -26.44 -3.99
C CYS B 245 12.77 -26.91 -3.29
N LYS B 246 12.54 -26.39 -2.09
CA LYS B 246 11.36 -26.83 -1.36
C LYS B 246 10.10 -26.23 -1.97
N SER B 247 8.97 -26.80 -1.57
CA SER B 247 7.68 -26.27 -1.97
C SER B 247 6.71 -26.57 -0.84
N PHE B 248 5.73 -25.69 -0.65
CA PHE B 248 4.60 -25.95 0.24
C PHE B 248 3.33 -26.00 -0.58
N VAL B 249 2.29 -26.64 -0.03
CA VAL B 249 1.04 -26.77 -0.78
C VAL B 249 -0.11 -26.38 0.12
N SER B 250 -1.15 -25.83 -0.49
CA SER B 250 -2.36 -25.37 0.17
C SER B 250 -3.37 -25.07 -0.92
N ASN B 251 -4.51 -24.51 -0.55
CA ASN B 251 -5.57 -24.26 -1.51
C ASN B 251 -5.71 -22.78 -1.87
N ASN B 252 -4.71 -21.95 -1.56
CA ASN B 252 -4.79 -20.52 -1.82
C ASN B 252 -3.41 -19.98 -2.22
N VAL B 253 -3.40 -18.89 -2.99
CA VAL B 253 -2.15 -18.41 -3.58
C VAL B 253 -1.16 -17.98 -2.54
N GLU B 254 -1.60 -17.60 -1.34
CA GLU B 254 -0.59 -17.23 -0.34
C GLU B 254 -0.10 -18.41 0.48
N LEU B 255 -0.59 -19.62 0.22
CA LEU B 255 -0.20 -20.81 0.96
C LEU B 255 -0.38 -20.65 2.47
N ILE B 256 -1.35 -19.82 2.89
CA ILE B 256 -1.71 -19.80 4.31
C ILE B 256 -2.20 -21.19 4.68
N GLY B 257 -1.63 -21.75 5.74
CA GLY B 257 -2.01 -23.13 6.06
C GLY B 257 -1.24 -24.20 5.31
N GLY B 258 -0.19 -23.81 4.57
CA GLY B 258 0.45 -24.75 3.68
C GLY B 258 1.34 -25.71 4.43
N GLU B 259 1.51 -26.89 3.84
CA GLU B 259 2.27 -27.99 4.40
C GLU B 259 3.48 -28.27 3.52
N ASP B 260 4.61 -28.60 4.16
CA ASP B 260 5.77 -28.99 3.41
C ASP B 260 5.43 -30.09 2.41
N PHE B 261 5.84 -29.90 1.16
CA PHE B 261 5.74 -30.97 0.17
C PHE B 261 7.14 -31.33 -0.33
N SER B 262 7.80 -30.45 -1.11
CA SER B 262 9.20 -30.64 -1.52
C SER B 262 9.45 -31.97 -2.23
N LYS B 263 8.50 -32.39 -3.05
CA LYS B 263 8.75 -33.62 -3.81
C LYS B 263 8.52 -33.41 -5.31
N GLU B 264 8.71 -32.17 -5.81
CA GLU B 264 8.58 -31.89 -7.23
C GLU B 264 9.83 -31.15 -7.69
N ILE B 265 10.30 -31.51 -8.90
CA ILE B 265 11.59 -31.00 -9.38
C ILE B 265 11.42 -29.65 -10.08
N PHE B 266 10.18 -29.27 -10.42
CA PHE B 266 9.99 -28.13 -11.33
C PHE B 266 10.46 -26.82 -10.68
N SER B 267 10.20 -26.64 -9.37
CA SER B 267 10.68 -25.42 -8.70
C SER B 267 12.18 -25.24 -8.88
N THR B 268 12.95 -26.33 -8.75
CA THR B 268 14.39 -26.22 -8.92
C THR B 268 14.74 -25.74 -10.33
N ALA B 269 14.05 -26.28 -11.32
CA ALA B 269 14.26 -25.85 -12.69
C ALA B 269 13.92 -24.37 -12.85
N VAL B 270 12.80 -23.92 -12.28
CA VAL B 270 12.43 -22.51 -12.41
C VAL B 270 13.52 -21.60 -11.83
N ILE B 271 14.04 -21.95 -10.67
CA ILE B 271 15.04 -21.05 -10.07
C ILE B 271 16.29 -20.99 -10.93
N LEU B 272 16.82 -22.17 -11.35
CA LEU B 272 18.04 -22.16 -12.16
C LEU B 272 17.85 -21.30 -13.41
N HIS B 273 16.67 -21.39 -13.98
CA HIS B 273 16.29 -20.82 -15.26
C HIS B 273 16.12 -19.31 -15.19
N SER B 274 15.72 -18.77 -14.02
CA SER B 274 15.18 -17.42 -13.91
C SER B 274 16.02 -16.45 -13.11
N TYR B 275 16.77 -16.90 -12.13
CA TYR B 275 17.61 -15.98 -11.37
C TYR B 275 19.05 -16.27 -11.74
N THR B 276 19.71 -15.29 -12.32
CA THR B 276 20.93 -15.48 -13.07
C THR B 276 22.16 -15.14 -12.26
N SER B 277 22.01 -14.89 -10.96
CA SER B 277 23.15 -14.50 -10.13
C SER B 277 23.43 -15.51 -9.01
N LEU B 278 22.88 -16.72 -9.08
CA LEU B 278 23.19 -17.71 -8.05
C LEU B 278 24.70 -17.99 -8.04
N PRO B 279 25.30 -18.17 -6.87
CA PRO B 279 26.70 -18.60 -6.82
C PRO B 279 26.92 -19.94 -7.51
N ASP B 280 28.15 -20.11 -8.02
CA ASP B 280 28.47 -21.29 -8.84
C ASP B 280 28.19 -22.58 -8.10
N ASP B 281 28.40 -22.58 -6.78
CA ASP B 281 28.28 -23.86 -6.08
C ASP B 281 26.83 -24.25 -5.95
N ILE B 282 25.95 -23.25 -5.84
CA ILE B 282 24.52 -23.53 -5.77
C ILE B 282 24.02 -23.99 -7.13
N ILE B 283 24.53 -23.37 -8.21
CA ILE B 283 24.13 -23.81 -9.55
C ILE B 283 24.50 -25.28 -9.76
N ALA B 284 25.69 -25.68 -9.28
CA ALA B 284 26.14 -27.06 -9.47
C ALA B 284 25.29 -28.03 -8.66
N SER B 285 25.05 -27.71 -7.38
CA SER B 285 24.25 -28.63 -6.55
C SER B 285 22.85 -28.75 -7.11
N MET B 286 22.27 -27.62 -7.55
CA MET B 286 20.90 -27.68 -8.05
C MET B 286 20.87 -28.41 -9.39
N CYS B 287 21.85 -28.12 -10.25
CA CYS B 287 21.99 -28.89 -11.49
C CYS B 287 22.13 -30.40 -11.20
N HIS B 288 22.91 -30.76 -10.19
CA HIS B 288 22.95 -32.16 -9.78
C HIS B 288 21.56 -32.71 -9.44
N GLU B 289 20.72 -31.92 -8.76
CA GLU B 289 19.37 -32.43 -8.46
C GLU B 289 18.57 -32.66 -9.74
N ILE B 290 18.70 -31.78 -10.74
CA ILE B 290 18.01 -32.01 -12.00
C ILE B 290 18.47 -33.31 -12.63
N LEU B 291 19.79 -33.48 -12.74
CA LEU B 291 20.37 -34.64 -13.42
C LEU B 291 20.10 -35.93 -12.68
N ASN B 292 20.06 -35.90 -11.34
CA ASN B 292 19.80 -37.11 -10.57
C ASN B 292 18.34 -37.37 -10.28
N HIS B 293 17.44 -36.49 -10.68
CA HIS B 293 16.03 -36.71 -10.44
C HIS B 293 15.62 -38.06 -11.00
N ASP B 294 15.07 -38.92 -10.14
CA ASP B 294 14.65 -40.25 -10.59
C ASP B 294 13.38 -40.22 -11.44
N GLY B 295 12.65 -39.10 -11.43
CA GLY B 295 11.52 -38.94 -12.33
C GLY B 295 11.98 -38.55 -13.73
N GLN B 296 12.86 -39.33 -14.31
CA GLN B 296 13.46 -38.99 -15.57
C GLN B 296 13.57 -40.26 -16.39
N ASN B 297 13.39 -40.15 -17.72
CA ASN B 297 13.39 -41.33 -18.58
C ASN B 297 13.77 -40.88 -20.00
N LYS B 298 15.02 -41.13 -20.39
CA LYS B 298 15.47 -40.79 -21.75
C LYS B 298 15.23 -39.31 -22.05
N LEU B 299 15.70 -38.46 -21.15
CA LEU B 299 15.68 -37.02 -21.34
C LEU B 299 14.26 -36.43 -21.40
N ARG B 300 13.24 -37.19 -21.01
CA ARG B 300 11.94 -36.63 -20.61
C ARG B 300 11.85 -36.59 -19.08
N TRP B 301 11.29 -35.50 -18.53
CA TRP B 301 11.16 -35.37 -17.08
C TRP B 301 9.71 -35.43 -16.60
N CYS B 302 9.55 -36.02 -15.41
CA CYS B 302 8.31 -36.00 -14.66
C CYS B 302 8.41 -34.96 -13.53
N PHE B 303 7.32 -34.21 -13.34
CA PHE B 303 7.23 -33.22 -12.25
C PHE B 303 7.57 -33.82 -10.86
N TYR B 304 7.03 -34.98 -10.53
CA TYR B 304 7.19 -35.60 -9.21
C TYR B 304 8.48 -36.40 -9.07
N LYS B 305 9.06 -36.41 -7.85
CA LYS B 305 9.91 -37.53 -7.47
C LYS B 305 9.10 -38.82 -7.54
N ASN B 306 9.81 -39.93 -7.80
CA ASN B 306 9.16 -41.24 -7.83
C ASN B 306 8.37 -41.51 -6.57
N GLU B 307 8.99 -41.23 -5.40
CA GLU B 307 8.28 -41.47 -4.15
C GLU B 307 6.93 -40.76 -4.10
N ALA B 308 6.71 -39.72 -4.90
CA ALA B 308 5.43 -39.02 -4.81
C ALA B 308 4.61 -39.15 -6.08
N ARG B 309 5.07 -39.88 -7.08
CA ARG B 309 4.37 -39.86 -8.35
C ARG B 309 3.01 -40.54 -8.15
N PRO B 310 1.93 -39.89 -8.50
CA PRO B 310 0.65 -40.61 -8.55
C PRO B 310 0.71 -41.67 -9.64
N ASP B 311 -0.11 -42.71 -9.48
CA ASP B 311 -0.10 -43.83 -10.42
C ASP B 311 -0.47 -43.36 -11.83
N ASN B 312 0.32 -43.79 -12.80
CA ASN B 312 0.10 -43.42 -14.20
C ASN B 312 0.27 -41.92 -14.44
N PHE B 313 1.10 -41.23 -13.64
CA PHE B 313 1.32 -39.81 -13.91
C PHE B 313 2.39 -39.67 -14.96
N PRO B 314 2.12 -38.99 -16.07
CA PRO B 314 3.07 -38.96 -17.18
C PRO B 314 4.15 -37.90 -17.02
N ASP B 315 5.21 -38.08 -17.79
CA ASP B 315 6.15 -37.01 -18.08
C ASP B 315 5.41 -35.86 -18.75
N ASP B 316 5.87 -34.63 -18.50
CA ASP B 316 5.19 -33.47 -19.05
C ASP B 316 6.19 -32.58 -19.79
N LEU B 317 5.67 -31.83 -20.77
CA LEU B 317 6.50 -30.99 -21.63
C LEU B 317 6.95 -29.73 -20.94
N ASN B 318 6.24 -29.29 -19.89
CA ASN B 318 6.65 -28.09 -19.17
C ASN B 318 7.95 -28.32 -18.37
N THR B 319 7.97 -29.31 -17.45
CA THR B 319 9.24 -29.67 -16.80
C THR B 319 10.33 -30.01 -17.82
N THR B 320 9.97 -30.80 -18.84
CA THR B 320 10.97 -31.27 -19.81
C THR B 320 11.54 -30.11 -20.64
N SER B 321 10.68 -29.27 -21.21
CA SER B 321 11.17 -28.10 -21.95
C SER B 321 12.08 -27.23 -21.11
N MET B 322 11.71 -26.99 -19.85
CA MET B 322 12.52 -26.07 -19.06
C MET B 322 13.84 -26.73 -18.65
N VAL B 323 13.80 -27.98 -18.24
CA VAL B 323 15.05 -28.69 -17.95
C VAL B 323 15.96 -28.74 -19.19
N LEU B 324 15.44 -29.20 -20.34
CA LEU B 324 16.32 -29.35 -21.49
C LEU B 324 16.90 -28.00 -21.90
N SER B 325 16.08 -26.96 -21.87
CA SER B 325 16.57 -25.64 -22.20
C SER B 325 17.71 -25.21 -21.27
N PHE B 326 17.56 -25.48 -19.98
CA PHE B 326 18.58 -25.00 -19.07
C PHE B 326 19.89 -25.78 -19.28
N LEU B 327 19.79 -27.09 -19.47
CA LEU B 327 20.99 -27.89 -19.62
C LEU B 327 21.71 -27.55 -20.91
N LEU B 328 20.97 -27.39 -22.01
CA LEU B 328 21.60 -26.95 -23.25
C LEU B 328 22.35 -25.65 -23.03
N ASN B 329 21.71 -24.68 -22.39
CA ASN B 329 22.29 -23.39 -22.11
C ASN B 329 23.49 -23.44 -21.15
N HIS B 330 23.56 -24.42 -20.26
CA HIS B 330 24.72 -24.54 -19.38
CA HIS B 330 24.66 -24.62 -19.33
C HIS B 330 25.67 -25.65 -19.83
N ASN B 331 25.65 -25.95 -21.13
CA ASN B 331 26.57 -26.88 -21.81
C ASN B 331 26.64 -28.25 -21.16
N LYS B 332 25.48 -28.76 -20.72
CA LYS B 332 25.39 -30.10 -20.16
C LYS B 332 24.78 -31.10 -21.13
N LEU B 333 24.09 -30.63 -22.16
CA LEU B 333 23.52 -31.48 -23.18
C LEU B 333 23.79 -30.84 -24.53
N THR B 334 23.83 -31.64 -25.58
CA THR B 334 24.01 -31.09 -26.91
C THR B 334 22.67 -31.03 -27.59
N ILE B 335 22.56 -30.12 -28.55
CA ILE B 335 21.36 -30.05 -29.39
C ILE B 335 21.04 -31.41 -30.00
N GLU B 336 22.08 -32.16 -30.37
CA GLU B 336 21.87 -33.44 -31.04
C GLU B 336 21.14 -34.45 -30.15
N LYS B 337 21.46 -34.45 -28.85
CA LYS B 337 20.71 -35.31 -27.93
C LYS B 337 19.30 -34.79 -27.64
N ILE B 338 19.08 -33.47 -27.71
CA ILE B 338 17.79 -32.89 -27.38
C ILE B 338 16.82 -33.06 -28.53
N ILE B 339 17.31 -32.95 -29.79
CA ILE B 339 16.39 -32.88 -30.94
C ILE B 339 15.43 -34.06 -31.02
N PRO B 340 15.83 -35.30 -30.71
CA PRO B 340 14.83 -36.40 -30.74
C PRO B 340 13.73 -36.25 -29.69
N VAL B 341 14.02 -35.60 -28.56
CA VAL B 341 12.93 -35.29 -27.62
C VAL B 341 12.04 -34.20 -28.20
N ALA B 342 12.65 -33.16 -28.79
CA ALA B 342 11.85 -32.13 -29.44
C ALA B 342 10.95 -32.72 -30.51
N GLU B 343 11.44 -33.72 -31.24
CA GLU B 343 10.57 -34.32 -32.26
C GLU B 343 9.36 -35.01 -31.63
N GLN B 344 9.52 -35.58 -30.42
CA GLN B 344 8.37 -36.19 -29.73
C GLN B 344 7.34 -35.14 -29.32
N MET B 345 7.81 -33.96 -28.92
CA MET B 345 6.89 -32.86 -28.64
C MET B 345 6.07 -32.49 -29.88
N ILE B 346 6.71 -32.47 -31.06
CA ILE B 346 5.95 -32.15 -32.26
C ILE B 346 4.95 -33.27 -32.59
N ALA B 347 5.26 -34.50 -32.17
CA ALA B 347 4.32 -35.60 -32.35
C ALA B 347 3.23 -35.60 -31.29
N ASN B 348 3.15 -34.54 -30.51
CA ASN B 348 2.20 -34.47 -29.43
C ASN B 348 1.10 -33.45 -29.70
N ARG B 349 0.79 -33.16 -30.95
CA ARG B 349 -0.21 -32.14 -31.20
C ARG B 349 -1.62 -32.72 -31.07
N ASN B 350 -2.55 -31.89 -30.63
CA ASN B 350 -3.94 -32.30 -30.62
C ASN B 350 -4.53 -32.03 -32.00
N GLU B 351 -5.82 -32.37 -32.16
CA GLU B 351 -6.46 -32.23 -33.46
C GLU B 351 -6.45 -30.78 -33.98
N GLU B 352 -6.40 -29.78 -33.10
CA GLU B 352 -6.27 -28.42 -33.62
C GLU B 352 -4.84 -28.07 -33.96
N GLY B 353 -3.91 -29.01 -33.81
CA GLY B 353 -2.52 -28.79 -34.14
C GLY B 353 -1.71 -28.12 -33.04
N ILE B 354 -2.22 -28.04 -31.84
CA ILE B 354 -1.53 -27.38 -30.74
C ILE B 354 -0.76 -28.42 -29.93
N ILE B 355 0.51 -28.12 -29.61
CA ILE B 355 1.31 -29.05 -28.81
C ILE B 355 0.77 -29.14 -27.38
N GLN B 356 0.67 -30.36 -26.87
CA GLN B 356 -0.03 -30.65 -25.62
C GLN B 356 0.95 -30.77 -24.45
N VAL B 357 0.38 -30.84 -23.25
CA VAL B 357 1.11 -30.64 -22.00
C VAL B 357 1.84 -31.90 -21.58
N TYR B 358 1.20 -33.05 -21.75
CA TYR B 358 1.71 -34.32 -21.22
C TYR B 358 2.17 -35.28 -22.33
N PHE B 359 3.25 -36.01 -22.06
CA PHE B 359 3.60 -37.12 -22.92
C PHE B 359 2.63 -38.26 -22.66
N ASP B 360 1.38 -38.12 -23.12
CA ASP B 360 0.39 -39.15 -22.87
C ASP B 360 -0.92 -38.85 -23.59
N ASP B 361 -1.24 -39.61 -24.65
CA ASP B 361 -2.41 -39.27 -25.48
C ASP B 361 -3.71 -39.41 -24.74
N ASN B 362 -3.68 -40.01 -23.56
CA ASN B 362 -4.89 -40.17 -22.77
C ASN B 362 -5.15 -39.03 -21.81
N ARG B 363 -4.21 -38.10 -21.67
CA ARG B 363 -4.37 -36.96 -20.78
C ARG B 363 -4.25 -35.67 -21.60
N PRO B 364 -5.11 -35.48 -22.59
CA PRO B 364 -4.95 -34.32 -23.49
C PRO B 364 -5.20 -33.00 -22.77
N ARG B 365 -4.22 -32.10 -22.84
CA ARG B 365 -4.30 -30.78 -22.24
C ARG B 365 -3.50 -29.81 -23.08
N ILE B 366 -3.91 -28.55 -23.07
CA ILE B 366 -3.05 -27.48 -23.55
C ILE B 366 -2.92 -26.46 -22.44
N ASP B 367 -1.83 -25.70 -22.49
CA ASP B 367 -1.59 -24.61 -21.56
C ASP B 367 -0.68 -23.62 -22.27
N ALA B 368 -1.08 -22.34 -22.27
CA ALA B 368 -0.35 -21.35 -23.08
C ALA B 368 1.09 -21.16 -22.60
N ILE B 369 1.36 -21.32 -21.30
CA ILE B 369 2.74 -21.15 -20.84
C ILE B 369 3.57 -22.38 -21.20
N VAL B 370 2.96 -23.56 -21.14
CA VAL B 370 3.69 -24.74 -21.60
C VAL B 370 4.04 -24.61 -23.08
N ALA B 371 3.10 -24.15 -23.87
CA ALA B 371 3.37 -23.91 -25.28
C ALA B 371 4.50 -22.92 -25.47
N ILE B 372 4.52 -21.84 -24.68
CA ILE B 372 5.60 -20.84 -24.78
C ILE B 372 6.95 -21.49 -24.46
N ASN B 373 7.01 -22.31 -23.41
CA ASN B 373 8.32 -22.85 -23.06
C ASN B 373 8.76 -23.95 -24.02
N VAL B 374 7.81 -24.67 -24.61
CA VAL B 374 8.15 -25.56 -25.73
C VAL B 374 8.65 -24.72 -26.92
N LEU B 375 7.93 -23.66 -27.29
CA LEU B 375 8.42 -22.87 -28.42
C LEU B 375 9.82 -22.35 -28.14
N TYR B 376 10.09 -21.95 -26.91
CA TYR B 376 11.41 -21.43 -26.59
C TYR B 376 12.47 -22.47 -26.90
N LEU B 377 12.28 -23.69 -26.39
CA LEU B 377 13.22 -24.79 -26.67
C LEU B 377 13.37 -25.01 -28.19
N MET B 378 12.26 -25.05 -28.91
CA MET B 378 12.27 -25.24 -30.35
C MET B 378 13.18 -24.23 -31.05
N HIS B 379 13.04 -22.95 -30.69
CA HIS B 379 13.86 -21.94 -31.35
C HIS B 379 15.30 -22.03 -30.91
N GLN B 380 15.51 -22.41 -29.66
CA GLN B 380 16.86 -22.57 -29.18
C GLN B 380 17.61 -23.67 -29.94
N ILE B 381 16.92 -24.72 -30.41
CA ILE B 381 17.64 -25.83 -31.03
C ILE B 381 17.65 -25.79 -32.56
N GLY B 382 17.05 -24.77 -33.18
CA GLY B 382 17.00 -24.65 -34.62
C GLY B 382 15.74 -25.18 -35.25
N TYR B 383 14.75 -25.57 -34.45
CA TYR B 383 13.44 -25.98 -34.90
C TYR B 383 12.52 -24.82 -35.22
N GLY B 384 13.04 -23.59 -35.17
CA GLY B 384 12.18 -22.41 -35.17
C GLY B 384 11.26 -22.27 -36.36
N GLU B 385 11.64 -22.77 -37.54
CA GLU B 385 10.77 -22.66 -38.72
C GLU B 385 10.03 -23.95 -39.05
N ARG B 386 10.10 -24.98 -38.23
CA ARG B 386 9.27 -26.14 -38.52
C ARG B 386 7.82 -25.69 -38.66
N LYS B 387 7.16 -26.12 -39.74
CA LYS B 387 5.78 -25.73 -40.01
C LYS B 387 4.82 -26.29 -38.99
N GLU B 388 5.17 -27.39 -38.36
CA GLU B 388 4.31 -28.02 -37.36
C GLU B 388 4.10 -27.12 -36.14
N LEU B 389 4.96 -26.14 -35.93
CA LEU B 389 4.83 -25.22 -34.80
C LEU B 389 3.77 -24.15 -35.03
N LYS B 390 3.27 -24.01 -36.26
CA LYS B 390 2.48 -22.84 -36.62
C LYS B 390 1.26 -22.64 -35.71
N GLU B 391 0.51 -23.72 -35.41
CA GLU B 391 -0.73 -23.57 -34.67
C GLU B 391 -0.48 -23.28 -33.18
N THR B 392 0.56 -23.90 -32.60
CA THR B 392 0.96 -23.57 -31.26
C THR B 392 1.32 -22.10 -31.13
N GLU B 393 2.06 -21.55 -32.09
CA GLU B 393 2.36 -20.13 -32.05
C GLU B 393 1.10 -19.29 -32.15
N ALA B 394 0.17 -19.66 -33.05
CA ALA B 394 -1.06 -18.88 -33.17
C ALA B 394 -1.90 -18.97 -31.89
N PHE B 395 -1.91 -20.15 -31.23
CA PHE B 395 -2.51 -20.30 -29.90
C PHE B 395 -1.99 -19.25 -28.91
N VAL B 396 -0.67 -19.18 -28.74
CA VAL B 396 -0.10 -18.21 -27.81
C VAL B 396 -0.48 -16.79 -28.21
N PHE B 397 -0.36 -16.45 -29.49
CA PHE B 397 -0.69 -15.10 -29.95
C PHE B 397 -2.16 -14.72 -29.67
N ASP B 398 -3.09 -15.62 -29.99
CA ASP B 398 -4.50 -15.35 -29.71
C ASP B 398 -4.74 -15.19 -28.20
N PHE B 399 -4.09 -16.05 -27.41
CA PHE B 399 -4.22 -15.95 -25.95
C PHE B 399 -3.82 -14.56 -25.44
N LEU B 400 -2.76 -13.97 -26.00
CA LEU B 400 -2.34 -12.61 -25.65
C LEU B 400 -3.34 -11.57 -26.17
N ILE B 401 -3.60 -11.60 -27.47
CA ILE B 401 -4.27 -10.50 -28.16
C ILE B 401 -5.73 -10.41 -27.72
N SER B 402 -6.35 -11.55 -27.47
CA SER B 402 -7.74 -11.64 -27.03
C SER B 402 -7.90 -11.28 -25.58
N LYS B 403 -6.80 -11.05 -24.87
CA LYS B 403 -6.78 -10.80 -23.44
C LYS B 403 -7.33 -11.98 -22.64
N GLU B 404 -7.53 -13.14 -23.28
CA GLU B 404 -7.86 -14.31 -22.50
C GLU B 404 -6.82 -14.63 -21.41
N TYR B 405 -5.57 -14.18 -21.53
CA TYR B 405 -4.58 -14.49 -20.50
C TYR B 405 -4.95 -13.89 -19.14
N LEU B 406 -5.87 -12.91 -19.11
CA LEU B 406 -6.33 -12.35 -17.84
C LEU B 406 -7.09 -13.36 -17.02
N LYS B 407 -7.51 -14.46 -17.62
CA LYS B 407 -8.09 -15.55 -16.87
C LYS B 407 -7.06 -16.54 -16.33
N GLY B 408 -5.73 -16.30 -16.55
CA GLY B 408 -4.69 -17.26 -16.19
C GLY B 408 -4.68 -18.41 -17.19
N THR B 409 -3.72 -19.33 -17.05
CA THR B 409 -3.68 -20.53 -17.86
C THR B 409 -4.17 -21.70 -17.02
N ARG B 410 -4.17 -22.90 -17.58
CA ARG B 410 -4.67 -24.05 -16.82
C ARG B 410 -3.85 -24.26 -15.56
N TYR B 411 -2.52 -24.16 -15.64
CA TYR B 411 -1.69 -24.48 -14.48
C TYR B 411 -1.10 -23.25 -13.80
N TYR B 412 -1.27 -22.06 -14.37
CA TYR B 412 -0.76 -20.82 -13.79
C TYR B 412 -1.87 -19.77 -13.77
N PRO B 413 -2.45 -19.47 -12.60
CA PRO B 413 -3.57 -18.50 -12.55
C PRO B 413 -3.19 -17.04 -12.70
N ALA B 414 -1.94 -16.65 -12.40
CA ALA B 414 -1.59 -15.22 -12.41
C ALA B 414 -1.28 -14.72 -13.83
N PRO B 415 -1.99 -13.70 -14.33
CA PRO B 415 -1.75 -13.21 -15.70
C PRO B 415 -0.32 -12.80 -15.98
N ASP B 416 0.38 -12.20 -15.01
CA ASP B 416 1.74 -11.77 -15.29
C ASP B 416 2.68 -12.93 -15.49
N VAL B 417 2.30 -14.15 -15.08
CA VAL B 417 3.21 -15.28 -15.33
C VAL B 417 3.27 -15.56 -16.81
N PHE B 418 2.13 -15.46 -17.49
CA PHE B 418 2.11 -15.65 -18.93
C PHE B 418 2.86 -14.53 -19.64
N LEU B 419 2.61 -13.28 -19.26
CA LEU B 419 3.35 -12.17 -19.87
C LEU B 419 4.84 -12.32 -19.63
N PHE B 420 5.25 -12.81 -18.45
CA PHE B 420 6.69 -12.95 -18.17
C PHE B 420 7.32 -14.05 -19.02
N PHE B 421 6.71 -15.23 -19.08
CA PHE B 421 7.36 -16.25 -19.91
C PHE B 421 7.27 -15.90 -21.38
N LEU B 422 6.20 -15.22 -21.82
CA LEU B 422 6.17 -14.76 -23.21
C LEU B 422 7.31 -13.79 -23.48
N SER B 423 7.66 -12.93 -22.52
CA SER B 423 8.69 -11.93 -22.80
C SER B 423 10.05 -12.56 -23.05
N ARG B 424 10.36 -13.68 -22.39
CA ARG B 424 11.62 -14.37 -22.64
C ARG B 424 11.70 -14.84 -24.09
N LEU B 425 10.68 -15.56 -24.55
CA LEU B 425 10.58 -15.98 -25.94
C LEU B 425 10.68 -14.78 -26.89
N VAL B 426 9.95 -13.70 -26.60
CA VAL B 426 9.80 -12.66 -27.62
C VAL B 426 11.09 -11.87 -27.74
N VAL B 427 11.79 -11.70 -26.63
CA VAL B 427 13.03 -10.95 -26.59
C VAL B 427 14.25 -11.81 -26.94
N ASP B 428 14.23 -13.11 -26.60
CA ASP B 428 15.39 -13.92 -26.96
C ASP B 428 15.39 -14.35 -28.44
N PHE B 429 14.27 -14.24 -29.14
CA PHE B 429 14.18 -14.62 -30.54
C PHE B 429 13.44 -13.54 -31.28
N PRO B 430 14.01 -12.31 -31.29
CA PRO B 430 13.24 -11.14 -31.72
C PRO B 430 12.84 -11.16 -33.19
N ASP B 431 13.58 -11.84 -34.08
CA ASP B 431 13.19 -11.90 -35.49
C ASP B 431 11.98 -12.78 -35.73
N GLN B 432 11.83 -13.85 -34.97
CA GLN B 432 10.65 -14.69 -35.17
C GLN B 432 9.40 -14.20 -34.43
N PHE B 433 9.49 -13.23 -33.51
CA PHE B 433 8.31 -12.86 -32.74
C PHE B 433 7.95 -11.38 -32.83
N GLU B 434 8.40 -10.69 -33.88
CA GLU B 434 8.15 -9.26 -34.03
C GLU B 434 6.71 -8.90 -33.73
N LYS B 435 5.76 -9.65 -34.31
CA LYS B 435 4.40 -9.16 -34.15
C LYS B 435 3.91 -9.26 -32.71
N PHE B 436 4.62 -9.98 -31.82
CA PHE B 436 4.26 -10.10 -30.41
C PHE B 436 4.73 -8.90 -29.62
N HIS B 437 5.79 -8.24 -30.08
CA HIS B 437 6.52 -7.29 -29.25
C HIS B 437 5.61 -6.19 -28.70
N LYS B 438 4.85 -5.52 -29.57
CA LYS B 438 4.09 -4.36 -29.10
C LYS B 438 2.83 -4.74 -28.34
N PRO B 439 2.02 -5.66 -28.81
CA PRO B 439 0.87 -6.05 -27.98
C PRO B 439 1.31 -6.55 -26.62
N LEU B 440 2.48 -7.23 -26.55
CA LEU B 440 2.96 -7.73 -25.26
C LEU B 440 3.38 -6.57 -24.36
N THR B 441 4.13 -5.60 -24.91
CA THR B 441 4.56 -4.45 -24.10
C THR B 441 3.37 -3.60 -23.67
N GLU B 442 2.38 -3.39 -24.57
CA GLU B 442 1.15 -2.70 -24.19
C GLU B 442 0.49 -3.35 -22.98
N MET B 443 0.24 -4.68 -23.03
CA MET B 443 -0.41 -5.37 -21.90
C MET B 443 0.36 -5.10 -20.62
N LEU B 444 1.69 -5.28 -20.67
CA LEU B 444 2.49 -5.13 -19.45
C LEU B 444 2.40 -3.71 -18.91
N ILE B 445 2.34 -2.71 -19.81
CA ILE B 445 2.30 -1.30 -19.37
C ILE B 445 1.01 -1.03 -18.60
N THR B 446 -0.14 -1.47 -19.13
CA THR B 446 -1.40 -1.26 -18.43
C THR B 446 -1.44 -1.95 -17.06
N ARG B 447 -0.54 -2.87 -16.79
CA ARG B 447 -0.60 -3.67 -15.57
C ARG B 447 0.42 -3.23 -14.54
N VAL B 448 1.21 -2.20 -14.84
CA VAL B 448 2.13 -1.71 -13.84
C VAL B 448 1.35 -1.43 -12.57
N ASN B 449 1.85 -2.00 -11.47
CA ASN B 449 1.34 -1.77 -10.14
C ASN B 449 -0.11 -2.20 -9.97
N CYS B 450 -0.56 -3.25 -10.66
CA CYS B 450 -1.96 -3.64 -10.58
C CYS B 450 -2.20 -4.76 -9.58
N SER B 451 -1.18 -5.32 -8.96
CA SER B 451 -1.40 -6.35 -7.96
C SER B 451 -0.34 -6.13 -6.90
N THR B 452 -0.55 -6.67 -5.68
CA THR B 452 0.38 -6.45 -4.55
C THR B 452 1.40 -7.57 -4.35
N PHE B 453 1.17 -8.75 -4.91
CA PHE B 453 2.02 -9.89 -4.59
C PHE B 453 3.42 -9.64 -5.09
N PRO B 454 4.43 -9.82 -4.25
CA PRO B 454 5.80 -9.49 -4.64
C PRO B 454 6.27 -10.23 -5.89
N LEU B 455 6.00 -11.52 -6.00
CA LEU B 455 6.52 -12.23 -7.16
C LEU B 455 5.91 -11.66 -8.44
N GLU B 456 4.63 -11.28 -8.39
CA GLU B 456 3.99 -10.67 -9.54
C GLU B 456 4.61 -9.30 -9.85
N ARG B 457 4.82 -8.47 -8.84
CA ARG B 457 5.56 -7.24 -9.07
C ARG B 457 6.83 -7.55 -9.82
N ALA B 458 7.57 -8.53 -9.31
CA ALA B 458 8.90 -8.80 -9.87
C ALA B 458 8.83 -9.21 -11.34
N LEU B 459 7.85 -10.06 -11.68
CA LEU B 459 7.65 -10.47 -13.06
C LEU B 459 7.40 -9.26 -13.96
N ARG B 460 6.52 -8.34 -13.54
CA ARG B 460 6.28 -7.16 -14.36
C ARG B 460 7.55 -6.33 -14.51
N ILE B 461 8.37 -6.21 -13.46
CA ILE B 461 9.59 -5.41 -13.55
C ILE B 461 10.56 -6.03 -14.55
N ILE B 462 10.79 -7.34 -14.42
CA ILE B 462 11.74 -8.02 -15.27
C ILE B 462 11.27 -8.00 -16.72
N ALA B 463 10.02 -8.41 -16.96
CA ALA B 463 9.54 -8.44 -18.33
C ALA B 463 9.60 -7.04 -18.96
N LEU B 464 9.18 -5.99 -18.24
CA LEU B 464 9.23 -4.64 -18.83
C LEU B 464 10.66 -4.20 -19.12
N LYS B 465 11.60 -4.45 -18.21
CA LYS B 465 12.98 -4.06 -18.51
C LYS B 465 13.51 -4.79 -19.75
N LYS B 466 13.19 -6.07 -19.93
CA LYS B 466 13.65 -6.77 -21.12
C LYS B 466 13.10 -6.11 -22.37
N LEU B 467 11.88 -5.62 -22.30
CA LEU B 467 11.25 -4.87 -23.37
C LEU B 467 11.67 -3.41 -23.41
N GLY B 468 12.64 -2.97 -22.60
CA GLY B 468 13.15 -1.62 -22.68
C GLY B 468 12.39 -0.52 -21.95
N ILE B 469 11.61 -0.87 -20.95
CA ILE B 469 10.83 0.09 -20.16
C ILE B 469 11.15 -0.13 -18.67
N VAL B 470 11.52 0.94 -17.98
CA VAL B 470 11.93 0.87 -16.58
C VAL B 470 10.69 1.06 -15.72
N ASN B 471 10.32 0.00 -14.97
CA ASN B 471 9.17 -0.01 -14.06
C ASN B 471 9.67 0.16 -12.61
N ARG B 472 9.78 1.40 -12.15
CA ARG B 472 10.28 1.69 -10.81
C ARG B 472 9.16 1.70 -9.76
N VAL B 473 7.93 2.01 -10.16
CA VAL B 473 6.78 1.92 -9.28
C VAL B 473 6.69 0.52 -8.65
N ASP B 474 6.68 -0.55 -9.48
CA ASP B 474 6.55 -1.90 -8.94
C ASP B 474 7.79 -2.25 -8.13
N PHE B 475 8.93 -1.70 -8.49
CA PHE B 475 10.17 -2.04 -7.81
C PHE B 475 10.21 -1.46 -6.40
N LEU B 476 9.69 -0.25 -6.22
CA LEU B 476 9.69 0.36 -4.89
C LEU B 476 8.75 -0.38 -3.95
N LYS B 477 7.59 -0.79 -4.47
CA LYS B 477 6.67 -1.56 -3.64
C LYS B 477 7.22 -2.94 -3.32
N LEU B 478 7.95 -3.54 -4.26
CA LEU B 478 8.63 -4.80 -4.02
C LEU B 478 9.52 -4.71 -2.79
N LEU B 479 10.28 -3.62 -2.71
CA LEU B 479 11.23 -3.47 -1.61
C LEU B 479 10.55 -3.48 -0.25
N ASP B 480 9.28 -3.06 -0.18
CA ASP B 480 8.63 -2.96 1.12
C ASP B 480 8.13 -4.28 1.65
N THR B 481 8.04 -5.34 0.83
CA THR B 481 7.47 -6.57 1.32
C THR B 481 8.52 -7.61 1.67
N GLN B 482 9.81 -7.24 1.65
CA GLN B 482 10.83 -8.15 2.14
C GLN B 482 10.68 -8.29 3.66
N LEU B 483 10.76 -9.52 4.18
CA LEU B 483 10.70 -9.74 5.63
C LEU B 483 12.06 -9.54 6.22
N ALA B 484 12.08 -9.42 7.55
CA ALA B 484 13.34 -9.08 8.20
C ALA B 484 14.40 -10.16 8.08
N ASP B 485 14.09 -11.41 7.67
CA ASP B 485 15.23 -12.32 7.45
C ASP B 485 15.80 -12.22 6.02
N GLY B 486 15.32 -11.29 5.19
CA GLY B 486 15.77 -11.21 3.81
C GLY B 486 14.89 -11.92 2.80
N GLY B 487 14.09 -12.89 3.22
CA GLY B 487 13.20 -13.55 2.29
C GLY B 487 11.90 -12.76 2.08
N TRP B 488 11.32 -12.90 0.89
CA TRP B 488 9.96 -12.49 0.59
C TRP B 488 9.01 -13.62 0.94
N PRO B 489 7.71 -13.35 1.01
CA PRO B 489 6.76 -14.38 1.49
C PRO B 489 6.59 -15.45 0.42
N VAL B 490 6.14 -16.62 0.88
CA VAL B 490 5.81 -17.69 -0.04
C VAL B 490 4.73 -17.21 -1.03
N TYR B 491 4.67 -17.89 -2.18
CA TYR B 491 3.73 -17.53 -3.24
C TYR B 491 3.44 -18.77 -4.08
N GLY B 492 2.16 -18.97 -4.39
CA GLY B 492 1.72 -20.11 -5.16
C GLY B 492 1.86 -19.85 -6.64
N LEU B 493 2.95 -20.31 -7.25
CA LEU B 493 3.21 -19.99 -8.66
C LEU B 493 2.39 -20.86 -9.62
N PHE B 494 2.07 -22.10 -9.26
CA PHE B 494 1.33 -22.95 -10.18
C PHE B 494 0.41 -23.85 -9.35
N ILE B 495 -0.53 -24.50 -10.02
CA ILE B 495 -1.57 -25.27 -9.33
C ILE B 495 -1.80 -26.61 -10.01
N ALA B 496 -2.22 -27.58 -9.20
CA ALA B 496 -2.87 -28.76 -9.74
C ALA B 496 -4.35 -28.41 -9.87
N PRO B 497 -4.85 -28.13 -11.07
CA PRO B 497 -6.15 -27.42 -11.15
C PRO B 497 -7.33 -28.22 -10.65
N ARG B 498 -7.34 -29.55 -10.83
CA ARG B 498 -8.56 -30.30 -10.49
C ARG B 498 -8.80 -30.34 -8.98
N SER B 499 -7.75 -30.35 -8.17
CA SER B 499 -7.88 -30.25 -6.73
C SER B 499 -7.66 -28.84 -6.25
N ASN B 500 -7.21 -27.95 -7.12
CA ASN B 500 -6.98 -26.56 -6.75
C ASN B 500 -5.87 -26.43 -5.71
N THR B 501 -4.81 -27.25 -5.86
CA THR B 501 -3.65 -27.13 -5.00
C THR B 501 -2.56 -26.22 -5.58
N TYR B 502 -2.17 -25.18 -4.81
CA TYR B 502 -1.05 -24.29 -5.11
C TYR B 502 0.24 -24.85 -4.57
N PHE B 503 1.31 -24.70 -5.35
CA PHE B 503 2.68 -25.00 -4.95
C PHE B 503 3.51 -23.72 -4.91
N GLY B 504 4.39 -23.59 -3.93
CA GLY B 504 5.25 -22.42 -3.93
C GLY B 504 6.23 -22.45 -2.77
N SER B 505 7.13 -21.48 -2.77
CA SER B 505 8.13 -21.37 -1.72
C SER B 505 8.51 -19.91 -1.53
N ARG B 506 9.17 -19.64 -0.41
CA ARG B 506 9.86 -18.36 -0.26
C ARG B 506 11.07 -18.26 -1.18
N GLU B 507 11.70 -19.41 -1.52
CA GLU B 507 12.81 -19.40 -2.46
C GLU B 507 12.36 -18.80 -3.80
N LEU B 508 11.24 -19.28 -4.34
CA LEU B 508 10.75 -18.79 -5.62
C LEU B 508 10.50 -17.30 -5.58
N SER B 509 9.71 -16.84 -4.60
CA SER B 509 9.47 -15.40 -4.47
C SER B 509 10.76 -14.64 -4.34
N THR B 510 11.68 -15.13 -3.52
CA THR B 510 12.92 -14.41 -3.31
C THR B 510 13.80 -14.41 -4.56
N ALA B 511 13.89 -15.54 -5.27
CA ALA B 511 14.72 -15.57 -6.49
C ALA B 511 14.26 -14.54 -7.52
N PHE B 512 12.95 -14.46 -7.76
CA PHE B 512 12.42 -13.47 -8.70
C PHE B 512 12.58 -12.04 -8.21
N ALA B 513 12.32 -11.77 -6.94
CA ALA B 513 12.51 -10.42 -6.43
C ALA B 513 13.92 -9.94 -6.64
N LEU B 514 14.91 -10.80 -6.32
CA LEU B 514 16.32 -10.47 -6.54
C LEU B 514 16.67 -10.29 -8.03
N GLU B 515 16.09 -11.12 -8.91
CA GLU B 515 16.29 -10.90 -10.34
C GLU B 515 15.77 -9.52 -10.74
N ALA B 516 14.60 -9.14 -10.23
CA ALA B 516 14.07 -7.82 -10.48
C ALA B 516 14.98 -6.72 -9.95
N LEU B 517 15.46 -6.85 -8.71
CA LEU B 517 16.36 -5.80 -8.21
C LEU B 517 17.61 -5.74 -9.05
N HIS B 518 18.17 -6.92 -9.38
CA HIS B 518 19.38 -6.97 -10.19
C HIS B 518 19.18 -6.32 -11.57
N ILE B 519 18.06 -6.61 -12.25
CA ILE B 519 17.88 -6.12 -13.60
C ILE B 519 17.64 -4.62 -13.66
N LEU B 520 17.26 -3.99 -12.56
CA LEU B 520 17.13 -2.53 -12.57
C LEU B 520 18.34 -1.86 -11.97
N SER B 521 19.33 -2.64 -11.53
CA SER B 521 20.51 -2.05 -10.91
C SER B 521 21.40 -1.33 -11.93
C01 UNL C . -28.50 13.38 7.59
C02 UNL C . -28.05 11.90 7.64
C03 UNL C . -28.86 10.88 7.88
C04 UNL C . -30.37 11.01 8.15
C05 UNL C . -31.21 10.70 6.93
C06 UNL C . -30.80 11.63 5.81
C07 UNL C . -29.79 11.27 5.02
C08 UNL C . -29.24 12.11 3.87
C09 UNL C . -29.19 11.34 2.57
C10 UNL C . -30.60 11.12 2.08
C11 UNL C . -31.14 9.97 2.38
C12 UNL C . -32.54 9.55 2.00
C22 UNL C . -31.27 12.27 1.32
C23 UNL C . -31.63 12.91 5.69
C24 UNL C . -26.58 11.56 7.36
O13 UNL C . -32.36 8.42 1.23
O15 UNL C . -33.07 6.51 -0.27
O16 UNL C . -34.71 8.40 0.26
O17 UNL C . -34.05 6.43 1.95
O19 UNL C . -34.72 5.80 4.24
O20 UNL C . -35.19 8.13 3.50
O21 UNL C . -36.54 6.31 2.59
P14 UNL C . -33.61 7.49 0.76
P18 UNL C . -35.17 6.67 3.11
H011 UNL C . -27.73 13.95 7.42
H012 UNL C . -29.15 13.50 6.88
H013 UNL C . -28.90 13.62 8.45
H031 UNL C . -28.50 10.02 7.88
H041 UNL C . -30.56 11.93 8.44
H042 UNL C . -30.62 10.41 8.87
H051 UNL C . -31.05 9.78 6.66
H052 UNL C . -32.14 10.82 7.13
H071 UNL C . -29.36 10.47 5.20
H081 UNL C . -28.34 12.40 4.10
H082 UNL C . -29.80 12.90 3.75
H091 UNL C . -28.68 11.84 1.92
H092 UNL C . -28.76 10.48 2.72
H111 UNL C . -30.63 9.36 2.86
H121 UNL C . -33.07 9.35 2.79
H122 UNL C . -32.97 10.25 1.47
H221 UNL C . -32.21 12.04 1.16
H222 UNL C . -30.83 12.40 0.47
H223 UNL C . -31.23 13.08 1.84
H231 UNL C . -31.22 13.50 5.05
H232 UNL C . -31.67 13.34 6.56
H233 UNL C . -32.52 12.68 5.40
H241 UNL C . -26.53 10.76 6.81
H242 UNL C . -26.12 11.39 8.21
H243 UNL C . -26.15 12.30 6.91
CL CL D . -4.11 -12.25 35.70
CL CL E . -28.58 1.07 11.24
CL CL F . -21.32 11.40 32.23
CL CL G . -8.67 -1.35 31.58
CL CL H . -21.43 29.08 -0.54
CL CL I . -28.51 26.98 28.36
CL CL J . 12.01 -0.11 14.38
CL CL K . -34.86 1.27 9.10
S SO4 L . -5.24 32.10 8.05
O1 SO4 L . -4.47 30.95 8.53
O2 SO4 L . -4.40 33.30 7.97
O3 SO4 L . -5.77 31.84 6.70
O4 SO4 L . -6.36 32.33 8.97
S SO4 M . -30.77 -0.99 6.30
O1 SO4 M . -29.47 -0.98 6.99
O2 SO4 M . -30.52 -0.55 4.93
O3 SO4 M . -31.34 -2.35 6.30
O4 SO4 M . -31.73 -0.11 6.97
S SO4 N . -13.75 -2.63 6.07
O1 SO4 N . -14.36 -3.39 7.18
O2 SO4 N . -12.40 -3.14 5.77
O3 SO4 N . -14.68 -2.78 4.95
O4 SO4 N . -13.65 -1.20 6.38
S SO4 O . -34.45 -0.39 1.47
O1 SO4 O . -34.09 -1.27 2.59
O2 SO4 O . -33.23 0.18 0.89
O3 SO4 O . -35.17 -1.18 0.46
O4 SO4 O . -35.33 0.70 1.91
S SO4 P . 11.82 -6.38 23.93
O1 SO4 P . 12.01 -7.48 24.89
O2 SO4 P . 13.09 -5.99 23.27
O3 SO4 P . 10.89 -6.84 22.91
O4 SO4 P . 11.31 -5.21 24.63
S SO4 Q . 7.81 -6.72 25.49
O1 SO4 Q . 8.56 -6.97 26.73
O2 SO4 Q . 8.24 -5.37 24.95
O3 SO4 Q . 6.36 -6.78 25.77
O4 SO4 Q . 8.09 -7.87 24.58
S SO4 R . -43.17 5.38 27.93
O1 SO4 R . -41.85 4.75 28.08
O2 SO4 R . -43.06 6.84 27.82
O3 SO4 R . -43.89 4.86 26.76
O4 SO4 R . -43.94 5.08 29.15
S SO4 S . -5.46 2.68 48.51
O1 SO4 S . -5.15 1.83 49.67
O2 SO4 S . -4.58 2.31 47.42
O3 SO4 S . -6.85 2.46 48.12
O4 SO4 S . -5.22 4.09 48.83
S SO4 T . -8.84 1.36 42.11
O1 SO4 T . -8.71 0.08 42.79
O2 SO4 T . -7.81 2.31 42.63
O3 SO4 T . -8.70 1.11 40.68
O4 SO4 T . -10.18 1.91 42.34
S SO4 U . -37.59 8.53 -4.73
O1 SO4 U . -36.37 7.75 -4.44
O2 SO4 U . -37.51 9.06 -6.09
O3 SO4 U . -38.79 7.67 -4.65
O4 SO4 U . -37.66 9.66 -3.80
C01 UNL V . 5.09 -28.38 -14.56
C02 UNL V . 3.94 -27.34 -14.77
C03 UNL V . 2.88 -27.54 -15.56
C04 UNL V . 2.63 -28.81 -16.40
C05 UNL V . 1.71 -29.84 -15.71
C06 UNL V . 2.25 -30.13 -14.32
C07 UNL V . 1.98 -29.24 -13.36
C08 UNL V . 2.42 -29.36 -11.89
C09 UNL V . 1.17 -29.31 -11.03
C10 UNL V . 0.30 -30.55 -11.19
C11 UNL V . -0.75 -30.53 -12.01
C12 UNL V . -1.71 -31.69 -12.24
C22 UNL V . 0.65 -31.79 -10.35
C23 UNL V . 3.06 -31.43 -14.12
C24 UNL V . 3.97 -26.02 -14.00
O13 UNL V . -2.85 -31.47 -11.47
O15 UNL V . -5.47 -31.56 -11.26
O16 UNL V . -4.09 -33.63 -11.89
O17 UNL V . -4.49 -31.55 -13.50
O19 UNL V . -5.83 -33.31 -14.87
O20 UNL V . -4.88 -31.30 -15.92
O21 UNL V . -3.38 -33.18 -15.04
P14 UNL V . -4.27 -32.12 -12.00
P18 UNL V . -4.64 -32.38 -14.88
H011 UNL V . 5.75 -28.01 -13.95
H012 UNL V . 4.72 -29.20 -14.19
H013 UNL V . 5.51 -28.57 -15.42
H031 UNL V . 2.24 -26.86 -15.59
H041 UNL V . 3.48 -29.23 -16.60
H042 UNL V . 2.22 -28.54 -17.24
H051 UNL V . 0.82 -29.48 -15.64
H052 UNL V . 1.69 -30.65 -16.23
H071 UNL V . 1.47 -28.50 -13.60
H081 UNL V . 3.01 -28.62 -11.67
H082 UNL V . 2.88 -30.20 -11.76
H091 UNL V . 1.44 -29.24 -10.10
H092 UNL V . 0.65 -28.53 -11.26
H111 UNL V . -0.91 -29.73 -12.46
H121 UNL V . -1.96 -31.73 -13.18
H122 UNL V . -1.30 -32.53 -11.98
H221 UNL V . 0.10 -32.54 -10.63
H222 UNL V . 0.51 -31.61 -9.42
H223 UNL V . 1.59 -32.01 -10.50
H231 UNL V . 3.46 -31.43 -13.24
H232 UNL V . 3.76 -31.48 -14.80
H233 UNL V . 2.47 -32.19 -14.21
H241 UNL V . 4.57 -26.11 -13.23
H242 UNL V . 3.07 -25.82 -13.67
H243 UNL V . 4.28 -25.32 -14.58
CL CL W . -4.29 -22.41 -21.10
CL CL X . 15.03 -14.93 -33.94
CL CL Y . 7.18 1.10 -32.07
CL CL Z . 17.62 -31.02 -0.53
CL CL AA . 25.29 -28.60 -29.19
CL CL BA . 7.53 16.90 -8.14
CL CL CA . -7.04 -28.41 -21.59
S SO4 DA . 28.32 -16.15 -0.66
O1 SO4 DA . 29.40 -16.08 0.33
O2 SO4 DA . 28.03 -14.79 -1.14
O3 SO4 DA . 28.63 -17.01 -1.82
O4 SO4 DA . 27.16 -16.75 0.01
S SO4 EA . 1.95 -32.69 -40.23
O1 SO4 EA . 2.62 -33.05 -38.99
O2 SO4 EA . 2.90 -32.73 -41.34
O3 SO4 EA . 0.88 -33.67 -40.44
O4 SO4 EA . 1.39 -31.33 -40.14
S SO4 FA . -8.96 -37.30 -19.14
O1 SO4 FA . -7.64 -37.64 -18.59
O2 SO4 FA . -8.83 -36.61 -20.42
O3 SO4 FA . -9.71 -38.54 -19.33
O4 SO4 FA . -9.70 -36.42 -18.22
S SO4 GA . -5.17 -9.33 -11.86
O1 SO4 GA . -4.72 -10.67 -11.48
O2 SO4 GA . -4.94 -9.13 -13.30
O3 SO4 GA . -6.61 -9.17 -11.62
O4 SO4 GA . -4.41 -8.36 -11.08
S SO4 HA . 7.09 16.40 -21.84
O1 SO4 HA . 7.92 16.17 -20.60
O2 SO4 HA . 7.63 17.58 -22.56
O3 SO4 HA . 7.15 15.21 -22.74
O4 SO4 HA . 5.67 16.66 -21.51
S SO4 IA . -8.53 -24.40 -18.11
O1 SO4 IA . -8.39 -24.47 -16.65
O2 SO4 IA . -7.99 -25.62 -18.73
O3 SO4 IA . -9.96 -24.29 -18.42
O4 SO4 IA . -7.85 -23.20 -18.63
S SO4 JA . -11.03 -30.18 -15.93
O1 SO4 JA . -10.23 -29.81 -14.74
O2 SO4 JA . -11.17 -29.00 -16.80
O3 SO4 JA . -10.39 -31.28 -16.67
O4 SO4 JA . -12.35 -30.60 -15.47
#